data_5JDO
#
_entry.id   5JDO
#
_cell.length_a   72.750
_cell.length_b   127.300
_cell.length_c   172.420
_cell.angle_alpha   90.00
_cell.angle_beta   90.00
_cell.angle_gamma   90.00
#
_symmetry.space_group_name_H-M   'P 2 21 21'
#
loop_
_entity.id
_entity.type
_entity.pdbx_description
1 polymer 'Haptoglobin-haemoglobin receptor'
2 polymer 'Haptoglobin-haemoglobin receptor'
3 polymer 'Hemoglobin subunit alpha'
4 polymer 'Hemoglobin subunit beta'
5 polymer 'Hemoglobin subunit alpha'
6 polymer 'Hemoglobin subunit beta'
7 non-polymer 'PROTOPORPHYRIN IX CONTAINING FE'
8 non-polymer 'OXYGEN MOLECULE'
#
loop_
_entity_poly.entity_id
_entity_poly.type
_entity_poly.pdbx_seq_one_letter_code
_entity_poly.pdbx_strand_id
1 'polypeptide(L)'
;GEIKVELEDSDDVAAACELRAQLAGVSIASGILLRPAVIRNATTEFSRKKSEDILAKGGAAVERASAAVDRVSGLDKTNE
TAQKVRKAAAVAHHALEHVKEEVEIVAKKVNEIIELTAGATEHAKGAKANGDASAVKVSNLLARAKESENQYVKEAAEEC
SESTNYDVTAKSLAAALDKLPGVKEDNAVKTTFQSILTSLDNLDKDVKSVEQRAEELETALEKAERQLEKAEKAAEEAET
ESSKVETES
;
A
2 'polypeptide(L)'
;GEIKVELEDSDDVAAACELRAQLAGVSIASGILLRPAVIRNATTEFSRKKSEDILAKGGAAVERASAAVDRVSGLDKTNE
TAQKVRKAAAVAHHALEHVKEEVEIVAKKVNEIIELTAGATEHAKGAKANGDASAVKVSNLLARAKESENQYVKEAAEEC
SESTNYDVTAKSLAAALDKLPGVKEDNAVKTTFQSILTSLDNLDKDVKSVEQRAEELETALEKAERQLEKAEKAAEEAET
ESSKV
;
B
3 'polypeptide(L)'
;VLSPADKTNVKAAWGKVGAHAGEYGAEALERMFLSFPTTKTYFPHFDLSHGSAQVKGHGKKVADALTNAVAHVDDMPNAL
SALSDLHAHKLRVDPVNFKLLSHCLLVTLAAHLPAEFTPAVHASLDKFLASVSTVLTSKYR
;
C
4 'polypeptide(L)'
;HLTPEEKSAVTALWGKVNVDEVGGEALGRLLVVYPWTQRFFESFGDLSTPDAVMGNPKVKAHGKKVLGAFSDGLAHLDNL
KGTFATLSELHCDKLHVDPENFRLLGNVLVCVLAHHFGKEFTPPVQAAYQKVVAGVANALAHKYH
;
D
5 'polypeptide(L)'
;VLSPADKTNVKAAWGKVGAHAGEYGAEALERMFLSFPTTKTYFPHFDLSHGSAQVKGHGKKVADALTNAVAHVDDMPNAL
SALSDLHAHKLRVDPVNFKLLSHCLLVTLAAHLPAEFTPAVHASLDKFLASVSTVLTSKY
;
E
6 'polypeptide(L)'
;HLTPEEKSAVTALWGKVNVDEVGGEALGRLLVVYPWTQRFFESFGDLSTPDAVMGNPKVKAHGKKVLGAFSDGLAHLDNL
KGTFATLSELHCDKLHVDPENFRLLGNVLVCVLAHHFGKEFTPPVQAAYQKVVAGVANALAHKY
;
F
#
# COMPACT_ATOMS: atom_id res chain seq x y z
N GLY A 1 18.75 20.59 42.05
CA GLY A 1 18.21 21.78 42.70
C GLY A 1 17.22 22.57 41.86
N GLU A 2 16.28 23.28 42.52
CA GLU A 2 15.24 24.08 41.86
C GLU A 2 15.66 25.56 41.73
N ILE A 3 14.92 26.34 40.91
CA ILE A 3 15.22 27.76 40.75
C ILE A 3 14.70 28.56 41.97
N LYS A 4 15.63 29.21 42.68
CA LYS A 4 15.31 29.93 43.90
C LYS A 4 14.66 31.27 43.68
N VAL A 5 15.02 32.00 42.60
CA VAL A 5 14.45 33.32 42.32
C VAL A 5 12.99 33.22 41.84
N GLU A 6 12.06 33.89 42.56
CA GLU A 6 10.61 33.88 42.26
C GLU A 6 10.21 34.91 41.20
N LEU A 7 9.09 34.64 40.49
CA LEU A 7 8.57 35.51 39.42
C LEU A 7 7.88 36.78 39.96
N GLU A 8 8.63 37.91 39.94
CA GLU A 8 8.27 39.24 40.49
C GLU A 8 6.98 39.85 39.96
N ASP A 9 6.77 39.84 38.63
CA ASP A 9 5.58 40.46 38.04
C ASP A 9 4.98 39.67 36.88
N SER A 10 3.80 40.13 36.40
CA SER A 10 3.00 39.59 35.29
C SER A 10 3.79 39.52 33.95
N ASP A 11 4.68 40.49 33.69
CA ASP A 11 5.50 40.52 32.48
C ASP A 11 6.62 39.49 32.54
N ASP A 12 7.17 39.26 33.75
CA ASP A 12 8.22 38.29 34.05
C ASP A 12 7.69 36.85 33.84
N VAL A 13 6.43 36.59 34.28
CA VAL A 13 5.72 35.31 34.17
C VAL A 13 5.55 34.95 32.68
N ALA A 14 5.14 35.94 31.86
CA ALA A 14 4.94 35.84 30.43
C ALA A 14 6.21 35.42 29.67
N ALA A 15 7.40 35.91 30.12
CA ALA A 15 8.69 35.59 29.51
C ALA A 15 9.06 34.16 29.85
N ALA A 16 8.80 33.74 31.10
CA ALA A 16 9.08 32.40 31.60
C ALA A 16 8.21 31.37 30.89
N CYS A 17 6.98 31.76 30.52
CA CYS A 17 6.03 30.94 29.79
C CYS A 17 6.55 30.67 28.39
N GLU A 18 7.06 31.71 27.69
CA GLU A 18 7.65 31.61 26.36
C GLU A 18 8.96 30.81 26.46
N LEU A 19 9.70 30.98 27.57
CA LEU A 19 10.93 30.23 27.84
C LEU A 19 10.64 28.73 28.02
N ARG A 20 9.57 28.34 28.79
CA ARG A 20 9.15 26.93 28.96
C ARG A 20 8.80 26.31 27.58
N ALA A 21 8.26 27.13 26.65
CA ALA A 21 7.89 26.74 25.29
C ALA A 21 9.08 26.65 24.34
N GLN A 22 10.06 27.56 24.50
CA GLN A 22 11.29 27.58 23.71
C GLN A 22 12.10 26.34 24.03
N LEU A 23 12.36 26.09 25.34
CA LEU A 23 13.11 24.93 25.86
C LEU A 23 12.48 23.60 25.46
N ALA A 24 11.13 23.55 25.40
CA ALA A 24 10.36 22.39 24.96
C ALA A 24 10.61 22.12 23.46
N GLY A 25 10.58 23.20 22.66
CA GLY A 25 10.79 23.20 21.23
C GLY A 25 12.20 22.89 20.75
N VAL A 26 13.17 22.75 21.68
CA VAL A 26 14.58 22.37 21.45
C VAL A 26 14.63 20.92 20.96
N SER A 27 13.79 20.07 21.57
CA SER A 27 13.57 18.65 21.24
C SER A 27 13.27 18.46 19.73
N ILE A 28 12.29 19.22 19.17
CA ILE A 28 11.88 19.22 17.76
C ILE A 28 13.03 19.74 16.86
N ALA A 29 13.55 20.95 17.18
CA ALA A 29 14.63 21.66 16.50
C ALA A 29 15.84 20.80 16.17
N SER A 30 16.45 20.13 17.18
CA SER A 30 17.63 19.29 16.94
C SER A 30 17.35 18.13 16.04
N GLY A 31 16.17 17.51 16.19
CA GLY A 31 15.74 16.39 15.35
C GLY A 31 15.74 16.74 13.88
N ILE A 32 15.09 17.88 13.54
CA ILE A 32 14.95 18.47 12.19
C ILE A 32 16.34 18.88 11.64
N LEU A 33 17.22 19.34 12.53
CA LEU A 33 18.58 19.77 12.19
C LEU A 33 19.49 18.58 11.83
N LEU A 34 19.52 17.58 12.71
CA LEU A 34 20.37 16.44 12.57
C LEU A 34 20.01 15.52 11.42
N ARG A 35 18.69 15.26 11.22
CA ARG A 35 18.16 14.29 10.25
C ARG A 35 18.76 14.32 8.82
N PRO A 36 18.84 15.46 8.05
CA PRO A 36 19.44 15.41 6.70
C PRO A 36 20.91 14.93 6.66
N ALA A 37 21.72 15.36 7.64
CA ALA A 37 23.13 14.98 7.76
C ALA A 37 23.34 13.47 8.03
N VAL A 38 22.31 12.80 8.59
CA VAL A 38 22.26 11.35 8.84
C VAL A 38 21.98 10.63 7.50
N ILE A 39 21.15 11.25 6.61
CA ILE A 39 20.79 10.76 5.27
C ILE A 39 22.07 10.78 4.39
N ARG A 40 22.92 11.80 4.59
CA ARG A 40 24.18 11.95 3.87
C ARG A 40 25.24 10.95 4.31
N ASN A 41 25.23 10.56 5.60
CA ASN A 41 26.17 9.58 6.16
C ASN A 41 25.81 8.17 5.71
N ALA A 42 24.53 7.96 5.34
CA ALA A 42 24.01 6.69 4.87
C ALA A 42 24.52 6.33 3.46
N THR A 43 24.85 7.36 2.66
CA THR A 43 25.35 7.18 1.29
C THR A 43 26.87 7.04 1.18
N THR A 44 27.62 7.29 2.28
CA THR A 44 29.08 7.23 2.26
C THR A 44 29.56 5.82 1.97
N GLU A 45 28.83 4.80 2.45
CA GLU A 45 29.20 3.40 2.18
C GLU A 45 29.13 3.06 0.68
N PHE A 46 28.08 3.54 0.01
CA PHE A 46 27.78 3.33 -1.39
C PHE A 46 28.73 4.13 -2.31
N SER A 47 29.01 5.39 -1.93
CA SER A 47 29.86 6.28 -2.70
C SER A 47 31.36 5.90 -2.66
N ARG A 48 31.79 5.13 -1.65
CA ARG A 48 33.16 4.67 -1.53
C ARG A 48 33.35 3.48 -2.50
N LYS A 49 32.36 2.58 -2.54
CA LYS A 49 32.36 1.41 -3.43
C LYS A 49 32.42 1.82 -4.88
N LYS A 50 31.81 2.97 -5.21
CA LYS A 50 31.80 3.50 -6.56
C LYS A 50 33.20 3.93 -6.98
N SER A 51 34.01 4.40 -5.99
CA SER A 51 35.38 4.88 -6.18
C SER A 51 36.36 3.71 -6.33
N GLU A 52 36.18 2.64 -5.54
CA GLU A 52 37.00 1.43 -5.62
C GLU A 52 36.83 0.75 -6.98
N ASP A 53 35.67 1.01 -7.63
CA ASP A 53 35.31 0.48 -8.92
C ASP A 53 35.90 1.28 -10.05
N ILE A 54 35.74 2.60 -10.02
CA ILE A 54 36.30 3.51 -11.05
C ILE A 54 37.83 3.25 -11.11
N LEU A 55 38.42 2.89 -9.95
CA LEU A 55 39.83 2.51 -9.81
C LEU A 55 40.03 1.16 -10.50
N ALA A 56 39.14 0.17 -10.22
CA ALA A 56 39.18 -1.17 -10.82
C ALA A 56 39.06 -1.11 -12.34
N LYS A 57 38.14 -0.31 -12.87
CA LYS A 57 37.95 -0.11 -14.30
C LYS A 57 39.17 0.60 -14.90
N GLY A 58 39.80 1.47 -14.10
CA GLY A 58 41.00 2.23 -14.47
C GLY A 58 42.20 1.33 -14.63
N GLY A 59 42.45 0.51 -13.59
CA GLY A 59 43.52 -0.47 -13.53
C GLY A 59 43.44 -1.48 -14.65
N ALA A 60 42.21 -1.90 -14.98
CA ALA A 60 41.87 -2.80 -16.07
C ALA A 60 42.10 -2.14 -17.44
N ALA A 61 41.78 -0.82 -17.58
CA ALA A 61 42.00 -0.05 -18.82
C ALA A 61 43.49 0.15 -19.02
N VAL A 62 44.25 0.19 -17.91
CA VAL A 62 45.70 0.31 -17.88
C VAL A 62 46.32 -1.03 -18.32
N GLU A 63 45.81 -2.17 -17.80
CA GLU A 63 46.27 -3.53 -18.12
C GLU A 63 45.94 -3.97 -19.57
N ARG A 64 44.88 -3.40 -20.17
CA ARG A 64 44.49 -3.67 -21.55
C ARG A 64 45.43 -2.92 -22.50
N ALA A 65 45.96 -1.77 -22.06
CA ALA A 65 46.89 -0.94 -22.82
C ALA A 65 48.31 -1.45 -22.59
N SER A 66 48.60 -1.98 -21.39
CA SER A 66 49.90 -2.54 -20.99
C SER A 66 50.20 -3.85 -21.72
N ALA A 67 49.15 -4.60 -22.11
CA ALA A 67 49.23 -5.85 -22.86
C ALA A 67 49.33 -5.52 -24.35
N ALA A 68 48.65 -4.44 -24.80
CA ALA A 68 48.63 -3.95 -26.19
C ALA A 68 49.95 -3.31 -26.59
N VAL A 69 50.72 -2.78 -25.61
CA VAL A 69 52.02 -2.16 -25.84
C VAL A 69 53.17 -3.22 -25.83
N ASP A 70 52.90 -4.38 -25.17
CA ASP A 70 53.79 -5.54 -25.05
C ASP A 70 53.84 -6.31 -26.37
N ARG A 71 52.72 -6.32 -27.12
CA ARG A 71 52.60 -7.00 -28.41
C ARG A 71 53.40 -6.27 -29.48
N VAL A 72 53.43 -4.94 -29.40
CA VAL A 72 54.14 -4.10 -30.37
C VAL A 72 55.54 -3.62 -29.86
N SER A 73 56.16 -4.40 -28.96
CA SER A 73 57.49 -4.10 -28.41
C SER A 73 58.57 -4.55 -29.37
N GLY A 74 58.40 -5.76 -29.90
CA GLY A 74 59.32 -6.36 -30.85
C GLY A 74 58.81 -6.35 -32.28
N LEU A 75 58.34 -5.19 -32.75
CA LEU A 75 57.83 -5.02 -34.10
C LEU A 75 58.48 -3.80 -34.80
N ASP A 76 58.63 -2.69 -34.05
CA ASP A 76 59.26 -1.41 -34.45
C ASP A 76 60.07 -0.87 -33.25
N LYS A 77 61.39 -1.15 -33.22
CA LYS A 77 62.28 -0.69 -32.15
C LYS A 77 62.91 0.64 -32.57
N THR A 78 62.75 1.69 -31.73
CA THR A 78 63.18 3.11 -31.87
C THR A 78 62.75 3.72 -33.25
N ASN A 79 61.77 3.08 -33.94
CA ASN A 79 61.23 3.50 -35.25
C ASN A 79 60.26 4.68 -35.13
N GLU A 80 59.74 5.16 -36.28
CA GLU A 80 58.89 6.36 -36.38
C GLU A 80 57.37 6.12 -36.11
N THR A 81 56.76 5.15 -36.82
CA THR A 81 55.32 4.84 -36.77
C THR A 81 54.85 4.28 -35.42
N ALA A 82 55.70 3.51 -34.73
CA ALA A 82 55.35 2.91 -33.43
C ALA A 82 55.60 3.83 -32.25
N GLN A 83 56.12 5.05 -32.49
CA GLN A 83 56.33 6.02 -31.42
C GLN A 83 54.94 6.53 -30.92
N LYS A 84 53.89 6.36 -31.78
CA LYS A 84 52.49 6.72 -31.55
C LYS A 84 51.71 5.65 -30.72
N VAL A 85 51.98 4.33 -30.96
CA VAL A 85 51.31 3.21 -30.27
C VAL A 85 51.73 3.12 -28.77
N ARG A 86 52.81 3.81 -28.38
CA ARG A 86 53.31 3.90 -27.01
C ARG A 86 52.76 5.15 -26.29
N LYS A 87 52.41 6.22 -27.05
CA LYS A 87 51.90 7.50 -26.57
C LYS A 87 50.56 7.44 -25.90
N ALA A 88 49.61 6.64 -26.44
CA ALA A 88 48.28 6.49 -25.86
C ALA A 88 48.35 5.76 -24.52
N ALA A 89 49.28 4.79 -24.39
CA ALA A 89 49.50 4.03 -23.15
C ALA A 89 50.08 4.92 -22.04
N ALA A 90 50.89 5.93 -22.43
CA ALA A 90 51.47 6.91 -21.51
C ALA A 90 50.35 7.81 -20.99
N VAL A 91 49.41 8.20 -21.89
CA VAL A 91 48.23 9.01 -21.60
C VAL A 91 47.32 8.22 -20.66
N ALA A 92 47.24 6.89 -20.89
CA ALA A 92 46.44 5.96 -20.11
C ALA A 92 46.96 5.82 -18.67
N HIS A 93 48.29 5.64 -18.45
CA HIS A 93 48.82 5.53 -17.10
C HIS A 93 48.80 6.87 -16.36
N HIS A 94 48.99 8.00 -17.07
CA HIS A 94 48.95 9.33 -16.45
C HIS A 94 47.53 9.64 -15.95
N ALA A 95 46.50 9.21 -16.70
CA ALA A 95 45.09 9.39 -16.36
C ALA A 95 44.72 8.59 -15.12
N LEU A 96 45.35 7.41 -14.93
CA LEU A 96 45.15 6.54 -13.78
C LEU A 96 45.69 7.19 -12.51
N GLU A 97 46.88 7.82 -12.56
CA GLU A 97 47.50 8.49 -11.41
C GLU A 97 46.60 9.63 -10.91
N HIS A 98 45.66 10.09 -11.76
CA HIS A 98 44.66 11.09 -11.41
C HIS A 98 43.44 10.39 -10.81
N VAL A 99 43.07 9.19 -11.34
CA VAL A 99 41.95 8.38 -10.85
C VAL A 99 42.30 7.95 -9.40
N LYS A 100 43.50 7.34 -9.19
CA LYS A 100 44.10 6.92 -7.90
C LYS A 100 44.22 8.10 -6.90
N GLU A 101 44.40 9.35 -7.41
CA GLU A 101 44.50 10.58 -6.62
C GLU A 101 43.13 10.98 -6.06
N GLU A 102 42.09 11.03 -6.92
CA GLU A 102 40.74 11.41 -6.54
C GLU A 102 40.09 10.39 -5.61
N VAL A 103 40.39 9.09 -5.79
CA VAL A 103 39.88 8.00 -4.95
C VAL A 103 40.39 8.17 -3.50
N GLU A 104 41.65 8.67 -3.30
CA GLU A 104 42.24 8.95 -1.97
C GLU A 104 41.42 10.06 -1.29
N ILE A 105 40.96 11.06 -2.08
CA ILE A 105 40.14 12.18 -1.62
C ILE A 105 38.80 11.64 -1.13
N VAL A 106 38.10 10.83 -1.96
CA VAL A 106 36.82 10.24 -1.64
C VAL A 106 36.91 9.49 -0.30
N ALA A 107 38.00 8.74 -0.09
CA ALA A 107 38.26 7.95 1.13
C ALA A 107 38.33 8.82 2.37
N LYS A 108 39.11 9.91 2.32
CA LYS A 108 39.31 10.86 3.41
C LYS A 108 38.02 11.62 3.76
N LYS A 109 37.21 11.98 2.74
CA LYS A 109 35.91 12.66 2.87
C LYS A 109 34.88 11.74 3.54
N VAL A 110 34.89 10.43 3.18
CA VAL A 110 34.00 9.42 3.75
C VAL A 110 34.24 9.34 5.27
N ASN A 111 35.52 9.28 5.66
CA ASN A 111 35.96 9.23 7.06
C ASN A 111 35.61 10.53 7.78
N GLU A 112 35.70 11.65 7.07
CA GLU A 112 35.39 12.95 7.62
C GLU A 112 33.90 13.07 7.93
N ILE A 113 33.01 12.60 7.00
CA ILE A 113 31.55 12.64 7.13
C ILE A 113 31.09 11.76 8.30
N ILE A 114 31.63 10.53 8.41
CA ILE A 114 31.34 9.57 9.47
C ILE A 114 31.60 10.21 10.86
N GLU A 115 32.81 10.76 11.02
CA GLU A 115 33.32 11.41 12.22
C GLU A 115 32.50 12.66 12.57
N LEU A 116 32.07 13.41 11.55
CA LEU A 116 31.26 14.62 11.73
C LEU A 116 29.85 14.25 12.16
N THR A 117 29.20 13.30 11.45
CA THR A 117 27.84 12.83 11.75
C THR A 117 27.78 12.20 13.15
N ALA A 118 28.71 11.27 13.48
CA ALA A 118 28.77 10.62 14.80
C ALA A 118 28.83 11.71 15.89
N GLY A 119 29.58 12.78 15.60
CA GLY A 119 29.76 13.95 16.46
C GLY A 119 28.51 14.79 16.64
N ALA A 120 27.86 15.19 15.51
CA ALA A 120 26.63 15.97 15.46
C ALA A 120 25.47 15.28 16.22
N THR A 121 25.40 13.91 16.18
CA THR A 121 24.37 13.15 16.90
C THR A 121 24.47 13.43 18.40
N GLU A 122 25.71 13.44 18.92
CA GLU A 122 25.95 13.68 20.32
C GLU A 122 25.55 15.09 20.73
N HIS A 123 25.77 16.08 19.85
CA HIS A 123 25.38 17.48 20.04
C HIS A 123 23.84 17.65 20.03
N ALA A 124 23.13 16.90 19.15
CA ALA A 124 21.67 16.90 19.07
C ALA A 124 21.02 16.21 20.28
N LYS A 125 21.59 15.09 20.80
CA LYS A 125 21.07 14.40 22.00
C LYS A 125 21.37 15.26 23.26
N GLY A 126 22.57 15.87 23.26
CA GLY A 126 23.07 16.74 24.31
C GLY A 126 22.24 17.98 24.50
N ALA A 127 21.82 18.60 23.38
CA ALA A 127 20.97 19.81 23.38
C ALA A 127 19.54 19.45 23.80
N LYS A 128 19.08 18.24 23.39
CA LYS A 128 17.75 17.67 23.64
C LYS A 128 17.57 17.38 25.10
N ALA A 129 18.51 16.59 25.68
CA ALA A 129 18.51 16.19 27.08
C ALA A 129 18.54 17.41 28.01
N ASN A 130 19.44 18.38 27.74
CA ASN A 130 19.58 19.60 28.53
C ASN A 130 18.40 20.56 28.34
N GLY A 131 17.72 20.40 27.19
CA GLY A 131 16.52 21.14 26.83
C GLY A 131 15.40 20.72 27.76
N ASP A 132 14.89 19.49 27.58
CA ASP A 132 13.81 18.86 28.38
C ASP A 132 14.01 18.98 29.91
N ALA A 133 15.27 18.88 30.39
CA ALA A 133 15.61 18.91 31.82
C ALA A 133 15.34 20.26 32.43
N SER A 134 15.81 21.32 31.77
CA SER A 134 15.69 22.70 32.26
C SER A 134 14.26 23.20 32.20
N ALA A 135 13.48 22.78 31.17
CA ALA A 135 12.08 23.17 30.99
C ALA A 135 11.22 22.69 32.15
N VAL A 136 11.60 21.54 32.75
CA VAL A 136 10.96 20.95 33.93
C VAL A 136 11.07 21.94 35.08
N LYS A 137 12.30 22.42 35.34
CA LYS A 137 12.64 23.38 36.39
C LYS A 137 11.88 24.70 36.23
N VAL A 138 11.69 25.16 34.96
CA VAL A 138 10.94 26.38 34.58
C VAL A 138 9.44 26.17 34.81
N SER A 139 8.91 24.99 34.44
CA SER A 139 7.50 24.66 34.64
C SER A 139 7.14 24.69 36.12
N ASN A 140 8.01 24.09 36.97
CA ASN A 140 7.86 24.05 38.44
C ASN A 140 7.83 25.47 39.02
N LEU A 141 8.63 26.38 38.42
CA LEU A 141 8.73 27.79 38.80
C LEU A 141 7.43 28.51 38.47
N LEU A 142 6.77 28.11 37.36
CA LEU A 142 5.49 28.68 36.94
C LEU A 142 4.40 28.11 37.79
N ALA A 143 4.51 26.81 38.15
CA ALA A 143 3.57 26.09 39.01
C ALA A 143 3.49 26.75 40.37
N ARG A 144 4.63 27.21 40.90
CA ARG A 144 4.73 27.93 42.17
C ARG A 144 4.05 29.28 42.03
N ALA A 145 4.26 29.97 40.88
CA ALA A 145 3.68 31.28 40.57
C ALA A 145 2.14 31.27 40.52
N LYS A 146 1.55 30.07 40.30
CA LYS A 146 0.09 29.86 40.28
C LYS A 146 -0.45 29.86 41.73
N GLU A 147 0.47 29.80 42.73
CA GLU A 147 0.17 29.76 44.17
C GLU A 147 0.53 31.09 44.87
N SER A 148 1.42 31.92 44.22
CA SER A 148 1.98 33.22 44.66
C SER A 148 0.99 34.14 45.33
N GLU A 149 1.42 34.72 46.46
CA GLU A 149 0.65 35.64 47.31
C GLU A 149 0.25 36.95 46.59
N ASN A 150 0.74 37.15 45.34
CA ASN A 150 0.46 38.28 44.45
C ASN A 150 -0.68 37.90 43.48
N GLN A 151 -1.77 38.72 43.42
CA GLN A 151 -2.93 38.48 42.57
C GLN A 151 -2.61 38.61 41.04
N TYR A 152 -1.73 39.56 40.62
CA TYR A 152 -1.35 39.76 39.20
C TYR A 152 -0.48 38.63 38.67
N VAL A 153 0.43 38.09 39.53
CA VAL A 153 1.32 36.97 39.24
C VAL A 153 0.47 35.70 39.18
N LYS A 154 -0.46 35.50 40.14
CA LYS A 154 -1.36 34.35 40.19
C LYS A 154 -2.23 34.24 38.92
N GLU A 155 -2.71 35.38 38.39
CA GLU A 155 -3.50 35.40 37.16
C GLU A 155 -2.65 35.19 35.89
N ALA A 156 -1.48 35.82 35.80
CA ALA A 156 -0.58 35.69 34.65
C ALA A 156 -0.10 34.25 34.48
N ALA A 157 0.21 33.53 35.60
CA ALA A 157 0.64 32.13 35.62
C ALA A 157 -0.51 31.22 35.23
N GLU A 158 -1.74 31.62 35.60
CA GLU A 158 -2.96 30.89 35.29
C GLU A 158 -3.29 30.98 33.80
N GLU A 159 -3.27 32.21 33.23
CA GLU A 159 -3.54 32.48 31.80
C GLU A 159 -2.50 31.79 30.91
N CYS A 160 -1.26 31.71 31.41
CA CYS A 160 -0.08 31.09 30.80
C CYS A 160 -0.35 29.60 30.44
N SER A 161 -0.13 29.23 29.14
CA SER A 161 -0.35 27.90 28.52
C SER A 161 0.89 26.97 28.43
N GLU A 162 0.66 25.66 28.53
CA GLU A 162 1.68 24.63 28.41
C GLU A 162 1.81 24.31 26.92
N SER A 163 2.75 24.97 26.24
CA SER A 163 2.94 24.84 24.79
C SER A 163 4.36 24.49 24.35
N THR A 164 4.52 24.19 23.05
CA THR A 164 5.79 23.88 22.41
C THR A 164 5.97 24.77 21.16
N ASN A 165 7.05 25.57 21.16
CA ASN A 165 7.45 26.50 20.11
C ASN A 165 8.08 25.69 18.98
N TYR A 166 7.47 25.72 17.81
CA TYR A 166 8.00 24.85 16.75
C TYR A 166 9.16 25.48 15.96
N ASP A 167 9.23 26.84 15.93
CA ASP A 167 10.28 27.57 15.21
C ASP A 167 11.48 28.02 16.08
N VAL A 168 11.94 27.13 17.00
CA VAL A 168 13.10 27.39 17.86
C VAL A 168 14.38 27.31 17.05
N THR A 169 15.29 28.25 17.34
CA THR A 169 16.66 28.37 16.82
C THR A 169 17.55 28.76 17.99
N ALA A 170 18.88 28.72 17.79
CA ALA A 170 19.87 29.11 18.81
C ALA A 170 19.68 30.60 19.18
N LYS A 171 19.32 31.43 18.18
CA LYS A 171 19.05 32.86 18.26
C LYS A 171 17.80 33.17 19.11
N SER A 172 16.63 32.57 18.75
CA SER A 172 15.32 32.79 19.41
C SER A 172 15.33 32.42 20.87
N LEU A 173 16.11 31.37 21.23
CA LEU A 173 16.25 30.89 22.60
C LEU A 173 17.09 31.83 23.43
N ALA A 174 18.26 32.24 22.92
CA ALA A 174 19.12 33.19 23.62
C ALA A 174 18.29 34.46 23.91
N ALA A 175 17.48 34.91 22.91
CA ALA A 175 16.58 36.05 22.95
C ALA A 175 15.52 35.93 24.06
N ALA A 176 14.99 34.71 24.28
CA ALA A 176 14.00 34.43 25.34
C ALA A 176 14.65 34.49 26.71
N LEU A 177 15.92 34.01 26.79
CA LEU A 177 16.74 33.97 28.00
C LEU A 177 17.19 35.34 28.46
N ASP A 178 17.31 36.29 27.50
CA ASP A 178 17.72 37.68 27.74
C ASP A 178 16.61 38.41 28.49
N LYS A 179 15.33 38.04 28.24
CA LYS A 179 14.14 38.61 28.88
C LYS A 179 14.14 38.41 30.40
N LEU A 180 14.75 37.31 30.90
CA LEU A 180 14.83 36.98 32.32
C LEU A 180 16.27 36.78 32.72
N PRO A 181 17.04 37.86 33.01
CA PRO A 181 18.46 37.68 33.37
C PRO A 181 18.71 36.97 34.71
N GLY A 182 17.71 37.05 35.60
CA GLY A 182 17.75 36.43 36.92
C GLY A 182 17.64 34.91 36.87
N VAL A 183 16.85 34.40 35.90
CA VAL A 183 16.64 32.97 35.65
C VAL A 183 17.89 32.49 34.90
N LYS A 184 18.26 33.24 33.82
CA LYS A 184 19.41 33.03 32.93
C LYS A 184 20.71 32.75 33.71
N GLU A 185 20.95 33.53 34.81
CA GLU A 185 22.13 33.45 35.64
C GLU A 185 21.95 32.68 36.99
N ASP A 186 20.74 32.13 37.28
CA ASP A 186 20.52 31.35 38.51
C ASP A 186 21.26 30.02 38.45
N ASN A 187 22.13 29.77 39.45
CA ASN A 187 23.04 28.64 39.61
C ASN A 187 22.44 27.24 39.32
N ALA A 188 21.11 27.08 39.50
CA ALA A 188 20.41 25.81 39.29
C ALA A 188 20.30 25.37 37.83
N VAL A 189 20.32 26.35 36.92
CA VAL A 189 20.15 26.16 35.47
C VAL A 189 21.20 26.86 34.62
N LYS A 190 21.91 27.86 35.20
CA LYS A 190 22.91 28.69 34.53
C LYS A 190 23.75 27.95 33.50
N THR A 191 24.48 26.90 33.93
CA THR A 191 25.37 26.10 33.06
C THR A 191 24.58 25.24 32.05
N THR A 192 23.41 24.68 32.44
CA THR A 192 22.54 23.90 31.56
C THR A 192 22.10 24.77 30.36
N PHE A 193 21.68 26.05 30.61
CA PHE A 193 21.30 27.01 29.56
C PHE A 193 22.48 27.33 28.65
N GLN A 194 23.69 27.46 29.23
CA GLN A 194 24.90 27.74 28.47
C GLN A 194 25.28 26.54 27.61
N SER A 195 25.04 25.31 28.13
CA SER A 195 25.30 24.05 27.46
C SER A 195 24.40 23.83 26.23
N ILE A 196 23.16 24.42 26.24
CA ILE A 196 22.22 24.31 25.12
C ILE A 196 22.69 25.20 23.99
N LEU A 197 22.98 26.48 24.29
CA LEU A 197 23.45 27.46 23.31
C LEU A 197 24.69 26.97 22.56
N THR A 198 25.66 26.37 23.28
CA THR A 198 26.86 25.85 22.62
C THR A 198 26.52 24.61 21.76
N SER A 199 25.80 23.60 22.35
CA SER A 199 25.41 22.34 21.68
C SER A 199 24.64 22.58 20.39
N LEU A 200 23.70 23.54 20.41
CA LEU A 200 22.91 23.91 19.23
C LEU A 200 23.79 24.54 18.17
N ASP A 201 24.70 25.45 18.58
CA ASP A 201 25.59 26.12 17.64
C ASP A 201 26.57 25.17 17.00
N ASN A 202 27.10 24.20 17.77
CA ASN A 202 28.03 23.18 17.25
C ASN A 202 27.31 22.20 16.34
N LEU A 203 26.02 21.90 16.61
CA LEU A 203 25.22 20.98 15.80
C LEU A 203 24.96 21.57 14.41
N ASP A 204 24.75 22.89 14.32
CA ASP A 204 24.56 23.51 13.02
C ASP A 204 25.90 23.56 12.26
N LYS A 205 27.01 23.82 12.97
CA LYS A 205 28.37 23.88 12.42
C LYS A 205 28.80 22.54 11.83
N ASP A 206 28.31 21.44 12.40
CA ASP A 206 28.59 20.09 11.93
C ASP A 206 27.73 19.72 10.69
N VAL A 207 26.38 19.88 10.76
CA VAL A 207 25.40 19.58 9.68
C VAL A 207 25.79 20.26 8.38
N LYS A 208 26.24 21.54 8.47
CA LYS A 208 26.71 22.36 7.35
C LYS A 208 28.02 21.80 6.78
N SER A 209 28.96 21.42 7.66
N SER A 209 28.96 21.42 7.66
CA SER A 209 30.24 20.85 7.27
CA SER A 209 30.26 20.85 7.25
C SER A 209 30.10 19.47 6.60
C SER A 209 30.11 19.47 6.58
N VAL A 210 29.00 18.74 6.90
CA VAL A 210 28.69 17.43 6.31
C VAL A 210 28.22 17.67 4.86
N GLU A 211 27.40 18.75 4.63
CA GLU A 211 26.90 19.17 3.31
C GLU A 211 28.08 19.60 2.44
N GLN A 212 29.10 20.19 3.10
CA GLN A 212 30.35 20.66 2.52
C GLN A 212 31.24 19.52 2.05
N ARG A 213 31.57 18.56 2.97
CA ARG A 213 32.41 17.41 2.64
C ARG A 213 31.82 16.56 1.54
N ALA A 214 30.48 16.52 1.46
CA ALA A 214 29.74 15.79 0.45
C ALA A 214 29.97 16.43 -0.91
N GLU A 215 29.86 17.77 -0.97
CA GLU A 215 30.08 18.57 -2.18
C GLU A 215 31.52 18.35 -2.75
N GLU A 216 32.52 18.21 -1.86
CA GLU A 216 33.93 17.95 -2.16
C GLU A 216 34.14 16.50 -2.66
N LEU A 217 33.38 15.55 -2.05
CA LEU A 217 33.38 14.12 -2.36
C LEU A 217 32.75 13.85 -3.74
N GLU A 218 31.62 14.51 -4.04
CA GLU A 218 30.93 14.35 -5.31
C GLU A 218 31.80 14.88 -6.45
N THR A 219 32.55 15.97 -6.20
CA THR A 219 33.47 16.62 -7.13
C THR A 219 34.59 15.66 -7.49
N ALA A 220 35.14 14.98 -6.49
CA ALA A 220 36.21 14.01 -6.69
C ALA A 220 35.77 12.81 -7.55
N LEU A 221 34.54 12.26 -7.32
CA LEU A 221 33.95 11.13 -8.07
C LEU A 221 33.65 11.49 -9.52
N GLU A 222 33.37 12.77 -9.79
CA GLU A 222 33.11 13.31 -11.14
C GLU A 222 34.46 13.44 -11.83
N LYS A 223 35.47 13.98 -11.11
CA LYS A 223 36.84 14.10 -11.62
C LYS A 223 37.49 12.72 -11.87
N ALA A 224 37.16 11.70 -11.04
CA ALA A 224 37.65 10.33 -11.21
C ALA A 224 36.98 9.71 -12.42
N GLU A 225 35.71 10.09 -12.69
CA GLU A 225 34.95 9.62 -13.83
C GLU A 225 35.47 10.25 -15.14
N ARG A 226 35.80 11.57 -15.12
CA ARG A 226 36.34 12.31 -16.28
C ARG A 226 37.65 11.64 -16.75
N GLN A 227 38.54 11.32 -15.79
CA GLN A 227 39.83 10.67 -16.04
C GLN A 227 39.67 9.20 -16.43
N LEU A 228 38.57 8.54 -16.02
CA LEU A 228 38.34 7.13 -16.42
C LEU A 228 37.93 7.11 -17.89
N GLU A 229 37.18 8.13 -18.34
CA GLU A 229 36.78 8.28 -19.73
C GLU A 229 38.05 8.56 -20.60
N LYS A 230 38.93 9.45 -20.10
CA LYS A 230 40.21 9.83 -20.70
C LYS A 230 41.16 8.61 -20.80
N ALA A 231 41.16 7.73 -19.78
CA ALA A 231 41.99 6.52 -19.76
C ALA A 231 41.49 5.48 -20.75
N GLU A 232 40.21 5.05 -20.62
CA GLU A 232 39.54 4.07 -21.47
C GLU A 232 39.66 4.39 -22.97
N LYS A 233 39.40 5.67 -23.35
CA LYS A 233 39.44 6.07 -24.76
C LYS A 233 40.86 6.25 -25.31
N ALA A 234 41.88 6.17 -24.44
CA ALA A 234 43.29 6.21 -24.82
C ALA A 234 43.78 4.77 -24.88
N ALA A 235 43.17 3.89 -24.04
CA ALA A 235 43.47 2.45 -24.02
C ALA A 235 42.96 1.92 -25.34
N GLU A 236 41.62 1.88 -25.50
CA GLU A 236 40.95 1.41 -26.72
C GLU A 236 41.47 2.13 -28.02
N GLU A 237 42.03 3.38 -27.90
CA GLU A 237 42.55 4.22 -29.01
C GLU A 237 43.82 3.68 -29.65
N ALA A 238 45.00 3.77 -29.00
CA ALA A 238 46.20 3.23 -29.64
C ALA A 238 46.29 1.71 -29.53
N GLU A 239 45.44 1.10 -28.67
CA GLU A 239 45.29 -0.36 -28.51
C GLU A 239 44.56 -0.89 -29.78
N THR A 240 43.99 0.04 -30.61
CA THR A 240 43.36 -0.29 -31.90
C THR A 240 44.46 -0.73 -32.87
N GLU A 241 45.66 -0.14 -32.70
CA GLU A 241 46.84 -0.50 -33.49
C GLU A 241 47.31 -1.95 -33.20
N SER A 242 46.98 -2.51 -32.00
CA SER A 242 47.33 -3.87 -31.52
C SER A 242 46.56 -5.00 -32.24
N SER A 243 45.35 -4.70 -32.72
CA SER A 243 44.49 -5.62 -33.47
C SER A 243 44.90 -5.63 -34.97
N LYS A 244 45.35 -4.48 -35.51
CA LYS A 244 45.76 -4.30 -36.91
C LYS A 244 47.15 -4.88 -37.24
N VAL A 245 47.97 -5.10 -36.19
CA VAL A 245 49.34 -5.60 -36.30
C VAL A 245 49.49 -6.99 -35.64
N GLU A 246 49.79 -8.00 -36.47
CA GLU A 246 50.03 -9.41 -36.14
C GLU A 246 51.32 -9.83 -36.85
N THR A 247 51.92 -8.87 -37.58
CA THR A 247 53.15 -8.97 -38.37
C THR A 247 54.42 -9.35 -37.57
N GLU A 248 55.48 -9.78 -38.28
CA GLU A 248 56.78 -10.14 -37.72
C GLU A 248 57.87 -9.17 -38.22
N SER A 249 58.79 -8.78 -37.31
CA SER A 249 59.92 -7.87 -37.60
C SER A 249 61.11 -8.60 -38.28
N GLY B 1 -34.92 -1.70 -36.46
CA GLY B 1 -36.00 -0.73 -36.51
C GLY B 1 -36.27 0.00 -35.20
N GLU B 2 -36.91 1.18 -35.29
CA GLU B 2 -37.26 2.01 -34.13
C GLU B 2 -38.71 1.77 -33.65
N ILE B 3 -39.08 2.32 -32.48
CA ILE B 3 -40.44 2.18 -31.97
C ILE B 3 -41.33 3.10 -32.80
N LYS B 4 -42.42 2.55 -33.36
CA LYS B 4 -43.34 3.32 -34.20
C LYS B 4 -44.42 4.08 -33.42
N VAL B 5 -44.94 3.49 -32.32
CA VAL B 5 -45.98 4.13 -31.49
C VAL B 5 -45.42 5.33 -30.71
N GLU B 6 -46.02 6.52 -30.92
CA GLU B 6 -45.60 7.78 -30.28
C GLU B 6 -46.19 7.97 -28.87
N LEU B 7 -45.48 8.74 -28.03
CA LEU B 7 -45.91 8.99 -26.66
C LEU B 7 -47.06 10.03 -26.62
N GLU B 8 -48.27 9.53 -26.31
CA GLU B 8 -49.55 10.23 -26.27
C GLU B 8 -49.70 11.32 -25.21
N ASP B 9 -49.30 11.04 -23.94
CA ASP B 9 -49.46 12.01 -22.88
C ASP B 9 -48.28 12.06 -21.89
N SER B 10 -48.33 13.05 -20.97
CA SER B 10 -47.36 13.33 -19.90
C SER B 10 -47.13 12.13 -18.94
N ASP B 11 -48.18 11.33 -18.68
CA ASP B 11 -48.10 10.16 -17.79
C ASP B 11 -47.37 9.02 -18.51
N ASP B 12 -47.60 8.89 -19.84
CA ASP B 12 -46.98 7.88 -20.73
C ASP B 12 -45.46 8.12 -20.81
N VAL B 13 -45.05 9.41 -20.93
CA VAL B 13 -43.65 9.87 -21.02
C VAL B 13 -42.90 9.48 -19.72
N ALA B 14 -43.54 9.71 -18.56
CA ALA B 14 -43.04 9.39 -17.23
C ALA B 14 -42.73 7.90 -17.04
N ALA B 15 -43.57 7.02 -17.63
CA ALA B 15 -43.40 5.57 -17.55
C ALA B 15 -42.21 5.15 -18.40
N ALA B 16 -42.08 5.76 -19.60
CA ALA B 16 -41.00 5.50 -20.54
C ALA B 16 -39.66 5.93 -19.97
N CYS B 17 -39.67 7.00 -19.16
CA CYS B 17 -38.49 7.53 -18.50
C CYS B 17 -37.98 6.53 -17.46
N GLU B 18 -38.91 5.98 -16.64
CA GLU B 18 -38.61 5.00 -15.61
C GLU B 18 -38.21 3.70 -16.27
N LEU B 19 -38.96 3.27 -17.31
CA LEU B 19 -38.64 2.03 -18.05
C LEU B 19 -37.22 2.12 -18.62
N ARG B 20 -36.81 3.33 -19.14
CA ARG B 20 -35.45 3.52 -19.67
C ARG B 20 -34.44 3.24 -18.55
N ALA B 21 -34.60 3.96 -17.39
CA ALA B 21 -33.80 3.81 -16.17
C ALA B 21 -33.74 2.36 -15.68
N GLN B 22 -34.85 1.61 -15.81
CA GLN B 22 -34.94 0.21 -15.43
C GLN B 22 -34.03 -0.59 -16.36
N LEU B 23 -34.20 -0.42 -17.70
CA LEU B 23 -33.42 -1.09 -18.75
C LEU B 23 -31.92 -0.80 -18.61
N ALA B 24 -31.55 0.43 -18.20
CA ALA B 24 -30.18 0.85 -17.96
C ALA B 24 -29.59 0.08 -16.75
N GLY B 25 -30.41 -0.01 -15.67
CA GLY B 25 -30.08 -0.68 -14.43
C GLY B 25 -29.96 -2.19 -14.48
N VAL B 26 -30.26 -2.81 -15.66
CA VAL B 26 -30.18 -4.24 -15.95
C VAL B 26 -28.70 -4.64 -15.94
N SER B 27 -27.79 -3.83 -16.51
CA SER B 27 -26.35 -4.14 -16.53
C SER B 27 -25.84 -4.31 -15.09
N ILE B 28 -26.11 -3.27 -14.20
CA ILE B 28 -25.71 -3.32 -12.78
C ILE B 28 -26.20 -4.62 -12.14
N ALA B 29 -27.54 -4.87 -12.20
CA ALA B 29 -28.26 -6.03 -11.67
C ALA B 29 -27.62 -7.36 -11.99
N SER B 30 -27.39 -7.67 -13.28
CA SER B 30 -26.78 -8.94 -13.68
C SER B 30 -25.38 -9.10 -13.17
N GLY B 31 -24.60 -8.04 -13.16
CA GLY B 31 -23.23 -8.04 -12.64
C GLY B 31 -23.15 -8.49 -11.19
N ILE B 32 -23.98 -7.86 -10.33
CA ILE B 32 -24.16 -8.11 -8.89
C ILE B 32 -24.70 -9.57 -8.67
N LEU B 33 -25.56 -10.04 -9.59
CA LEU B 33 -26.14 -11.37 -9.53
C LEU B 33 -25.12 -12.46 -9.84
N LEU B 34 -24.43 -12.31 -10.96
CA LEU B 34 -23.48 -13.29 -11.45
C LEU B 34 -22.22 -13.43 -10.59
N ARG B 35 -21.64 -12.30 -10.14
CA ARG B 35 -20.37 -12.24 -9.41
C ARG B 35 -20.14 -13.27 -8.27
N PRO B 36 -21.03 -13.46 -7.25
CA PRO B 36 -20.75 -14.46 -6.20
C PRO B 36 -20.63 -15.91 -6.71
N ALA B 37 -21.47 -16.30 -7.70
CA ALA B 37 -21.47 -17.64 -8.30
C ALA B 37 -20.15 -17.94 -9.07
N VAL B 38 -19.44 -16.87 -9.51
CA VAL B 38 -18.13 -16.93 -10.17
C VAL B 38 -17.04 -17.20 -9.10
N ILE B 39 -17.21 -16.63 -7.88
CA ILE B 39 -16.33 -16.80 -6.73
C ILE B 39 -16.40 -18.28 -6.26
N ARG B 40 -17.61 -18.88 -6.35
CA ARG B 40 -17.85 -20.27 -5.99
C ARG B 40 -17.26 -21.25 -7.01
N ASN B 41 -17.22 -20.87 -8.30
CA ASN B 41 -16.66 -21.69 -9.37
C ASN B 41 -15.13 -21.69 -9.30
N ALA B 42 -14.56 -20.64 -8.67
CA ALA B 42 -13.12 -20.48 -8.51
C ALA B 42 -12.54 -21.49 -7.50
N THR B 43 -13.38 -21.96 -6.55
CA THR B 43 -12.97 -22.92 -5.51
C THR B 43 -13.14 -24.39 -5.90
N THR B 44 -13.81 -24.70 -7.04
CA THR B 44 -14.05 -26.07 -7.51
C THR B 44 -12.79 -26.89 -7.66
N GLU B 45 -11.80 -26.40 -8.42
CA GLU B 45 -10.54 -27.10 -8.69
C GLU B 45 -9.72 -27.33 -7.43
N PHE B 46 -9.75 -26.35 -6.51
CA PHE B 46 -9.04 -26.48 -5.24
C PHE B 46 -9.66 -27.64 -4.46
N SER B 47 -10.99 -27.65 -4.37
CA SER B 47 -11.76 -28.67 -3.66
C SER B 47 -11.67 -30.06 -4.32
N ARG B 48 -11.50 -30.14 -5.65
CA ARG B 48 -11.38 -31.44 -6.33
C ARG B 48 -10.05 -32.09 -5.97
N LYS B 49 -8.94 -31.34 -6.13
CA LYS B 49 -7.58 -31.79 -5.84
C LYS B 49 -7.33 -31.94 -4.32
N LYS B 50 -8.32 -31.53 -3.52
CA LYS B 50 -8.34 -31.68 -2.06
C LYS B 50 -8.98 -33.05 -1.80
N SER B 51 -10.02 -33.42 -2.59
CA SER B 51 -10.74 -34.68 -2.50
C SER B 51 -9.85 -35.79 -3.00
N GLU B 52 -9.03 -35.48 -4.03
CA GLU B 52 -8.07 -36.40 -4.65
C GLU B 52 -7.01 -36.89 -3.67
N ASP B 53 -6.62 -36.01 -2.74
CA ASP B 53 -5.60 -36.29 -1.72
C ASP B 53 -6.19 -37.01 -0.50
N ILE B 54 -7.53 -36.91 -0.27
CA ILE B 54 -8.21 -37.64 0.82
C ILE B 54 -8.31 -39.12 0.40
N LEU B 55 -8.48 -39.36 -0.92
CA LEU B 55 -8.52 -40.69 -1.52
C LEU B 55 -7.12 -41.31 -1.45
N ALA B 56 -6.07 -40.53 -1.80
CA ALA B 56 -4.67 -40.96 -1.78
C ALA B 56 -4.24 -41.31 -0.37
N LYS B 57 -4.61 -40.50 0.62
CA LYS B 57 -4.31 -40.76 2.02
C LYS B 57 -5.08 -42.00 2.51
N GLY B 58 -6.27 -42.21 1.95
CA GLY B 58 -7.14 -43.34 2.26
C GLY B 58 -6.57 -44.64 1.77
N GLY B 59 -6.18 -44.66 0.48
CA GLY B 59 -5.56 -45.79 -0.20
C GLY B 59 -4.27 -46.22 0.47
N ALA B 60 -3.48 -45.21 0.93
CA ALA B 60 -2.23 -45.39 1.68
C ALA B 60 -2.49 -45.94 3.09
N ALA B 61 -3.58 -45.50 3.77
CA ALA B 61 -3.96 -46.00 5.09
C ALA B 61 -4.45 -47.44 4.99
N VAL B 62 -5.01 -47.78 3.81
CA VAL B 62 -5.49 -49.11 3.46
C VAL B 62 -4.27 -50.02 3.23
N GLU B 63 -3.25 -49.55 2.45
CA GLU B 63 -2.01 -50.28 2.12
C GLU B 63 -1.10 -50.51 3.35
N ARG B 64 -1.17 -49.63 4.37
CA ARG B 64 -0.42 -49.75 5.62
C ARG B 64 -1.05 -50.84 6.50
N ALA B 65 -2.38 -51.03 6.37
CA ALA B 65 -3.14 -52.02 7.11
C ALA B 65 -3.11 -53.36 6.35
N SER B 66 -3.04 -53.30 5.00
CA SER B 66 -2.98 -54.47 4.12
C SER B 66 -1.63 -55.19 4.22
N ALA B 67 -0.56 -54.45 4.60
CA ALA B 67 0.78 -54.98 4.81
C ALA B 67 0.87 -55.53 6.25
N ALA B 68 0.18 -54.87 7.21
CA ALA B 68 0.12 -55.24 8.62
C ALA B 68 -0.70 -56.51 8.86
N VAL B 69 -1.65 -56.82 7.95
CA VAL B 69 -2.50 -58.01 8.02
C VAL B 69 -1.82 -59.23 7.34
N ASP B 70 -0.88 -58.94 6.42
CA ASP B 70 -0.06 -59.91 5.68
C ASP B 70 1.01 -60.52 6.60
N ARG B 71 1.51 -59.74 7.57
CA ARG B 71 2.51 -60.16 8.54
C ARG B 71 1.93 -61.13 9.57
N VAL B 72 0.74 -60.78 10.12
CA VAL B 72 0.01 -61.54 11.16
C VAL B 72 -0.76 -62.76 10.59
N SER B 73 -0.66 -62.98 9.26
CA SER B 73 -1.31 -64.07 8.52
C SER B 73 -0.93 -65.45 9.06
N GLY B 74 0.34 -65.59 9.49
CA GLY B 74 0.88 -66.82 10.05
C GLY B 74 0.38 -67.07 11.46
N LEU B 75 -0.95 -67.24 11.61
CA LEU B 75 -1.66 -67.46 12.87
C LEU B 75 -3.09 -67.92 12.60
N ASP B 76 -3.68 -68.65 13.57
CA ASP B 76 -5.06 -69.16 13.54
C ASP B 76 -6.08 -68.11 13.99
N LYS B 77 -7.33 -68.34 13.60
CA LYS B 77 -8.51 -67.53 13.90
C LYS B 77 -9.02 -67.74 15.35
N THR B 78 -8.09 -67.66 16.34
CA THR B 78 -8.39 -67.83 17.76
C THR B 78 -7.76 -66.72 18.64
N ASN B 79 -6.49 -66.33 18.37
CA ASN B 79 -5.75 -65.30 19.12
C ASN B 79 -6.32 -63.89 19.01
N GLU B 80 -6.61 -63.25 20.19
CA GLU B 80 -7.13 -61.88 20.33
C GLU B 80 -6.22 -60.90 19.61
N THR B 81 -4.88 -61.13 19.69
CA THR B 81 -3.81 -60.36 19.07
C THR B 81 -3.88 -60.47 17.54
N ALA B 82 -4.13 -61.69 17.00
CA ALA B 82 -4.21 -61.95 15.57
C ALA B 82 -5.53 -61.49 14.92
N GLN B 83 -6.63 -61.46 15.71
CA GLN B 83 -7.98 -61.08 15.26
C GLN B 83 -8.25 -59.58 15.27
N LYS B 84 -7.60 -58.82 16.18
CA LYS B 84 -7.77 -57.37 16.28
C LYS B 84 -7.17 -56.64 15.07
N VAL B 85 -6.15 -57.22 14.41
CA VAL B 85 -5.51 -56.68 13.21
C VAL B 85 -6.44 -56.90 12.02
N ARG B 86 -6.86 -58.16 11.82
CA ARG B 86 -7.78 -58.58 10.77
C ARG B 86 -9.11 -57.79 10.82
N LYS B 87 -9.61 -57.50 12.04
CA LYS B 87 -10.86 -56.73 12.24
C LYS B 87 -10.71 -55.24 12.00
N ALA B 88 -9.58 -54.63 12.42
CA ALA B 88 -9.32 -53.20 12.20
C ALA B 88 -9.09 -52.94 10.71
N ALA B 89 -8.46 -53.91 9.99
CA ALA B 89 -8.20 -53.82 8.55
C ALA B 89 -9.50 -53.89 7.75
N ALA B 90 -10.51 -54.63 8.26
CA ALA B 90 -11.83 -54.75 7.66
C ALA B 90 -12.55 -53.40 7.81
N VAL B 91 -12.40 -52.76 8.99
CA VAL B 91 -12.96 -51.44 9.32
C VAL B 91 -12.29 -50.40 8.42
N ALA B 92 -10.98 -50.58 8.15
CA ALA B 92 -10.18 -49.71 7.31
C ALA B 92 -10.62 -49.77 5.83
N HIS B 93 -10.85 -50.97 5.25
CA HIS B 93 -11.29 -51.06 3.86
C HIS B 93 -12.74 -50.61 3.70
N HIS B 94 -13.60 -50.85 4.70
CA HIS B 94 -15.00 -50.43 4.66
C HIS B 94 -15.10 -48.90 4.65
N ALA B 95 -14.23 -48.23 5.43
CA ALA B 95 -14.15 -46.77 5.53
C ALA B 95 -13.72 -46.15 4.20
N LEU B 96 -12.84 -46.85 3.46
CA LEU B 96 -12.34 -46.41 2.16
C LEU B 96 -13.47 -46.42 1.11
N GLU B 97 -14.34 -47.47 1.13
CA GLU B 97 -15.49 -47.63 0.23
C GLU B 97 -16.40 -46.41 0.26
N HIS B 98 -16.44 -45.72 1.41
CA HIS B 98 -17.22 -44.49 1.59
C HIS B 98 -16.38 -43.25 1.25
N VAL B 99 -15.04 -43.31 1.41
CA VAL B 99 -14.16 -42.22 0.98
C VAL B 99 -14.31 -42.15 -0.54
N LYS B 100 -14.13 -43.30 -1.21
CA LYS B 100 -14.24 -43.51 -2.65
C LYS B 100 -15.62 -43.09 -3.20
N GLU B 101 -16.68 -43.27 -2.40
CA GLU B 101 -18.08 -42.92 -2.72
C GLU B 101 -18.29 -41.40 -2.71
N GLU B 102 -17.81 -40.71 -1.65
CA GLU B 102 -17.95 -39.27 -1.51
C GLU B 102 -17.12 -38.52 -2.53
N VAL B 103 -15.94 -39.06 -2.93
CA VAL B 103 -15.05 -38.46 -3.94
C VAL B 103 -15.76 -38.43 -5.32
N GLU B 104 -16.60 -39.47 -5.65
CA GLU B 104 -17.39 -39.53 -6.90
C GLU B 104 -18.42 -38.38 -6.90
N ILE B 105 -18.99 -38.06 -5.70
CA ILE B 105 -19.95 -36.98 -5.50
C ILE B 105 -19.28 -35.65 -5.77
N VAL B 106 -18.12 -35.40 -5.14
CA VAL B 106 -17.33 -34.18 -5.32
C VAL B 106 -17.07 -33.93 -6.79
N ALA B 107 -16.70 -35.00 -7.53
CA ALA B 107 -16.39 -34.96 -8.96
C ALA B 107 -17.56 -34.48 -9.81
N LYS B 108 -18.74 -35.07 -9.59
CA LYS B 108 -19.98 -34.75 -10.31
C LYS B 108 -20.46 -33.31 -10.02
N LYS B 109 -20.32 -32.85 -8.74
CA LYS B 109 -20.69 -31.51 -8.28
C LYS B 109 -19.78 -30.47 -8.93
N VAL B 110 -18.47 -30.76 -9.03
CA VAL B 110 -17.48 -29.87 -9.64
C VAL B 110 -17.87 -29.61 -11.10
N ASN B 111 -18.23 -30.67 -11.83
CA ASN B 111 -18.64 -30.61 -13.23
C ASN B 111 -19.97 -29.86 -13.35
N GLU B 112 -20.85 -30.05 -12.36
CA GLU B 112 -22.15 -29.39 -12.35
C GLU B 112 -22.01 -27.88 -12.16
N ILE B 113 -21.14 -27.44 -11.23
CA ILE B 113 -20.88 -26.03 -10.90
C ILE B 113 -20.28 -25.30 -12.11
N ILE B 114 -19.27 -25.93 -12.76
CA ILE B 114 -18.58 -25.40 -13.94
C ILE B 114 -19.60 -25.09 -15.05
N GLU B 115 -20.43 -26.10 -15.38
CA GLU B 115 -21.48 -26.10 -16.40
C GLU B 115 -22.55 -25.05 -16.09
N LEU B 116 -22.89 -24.90 -14.79
CA LEU B 116 -23.89 -23.94 -14.33
C LEU B 116 -23.35 -22.51 -14.45
N THR B 117 -22.14 -22.26 -13.92
CA THR B 117 -21.47 -20.96 -13.95
C THR B 117 -21.22 -20.49 -15.37
N ALA B 118 -20.64 -21.38 -16.24
CA ALA B 118 -20.38 -21.05 -17.65
C ALA B 118 -21.66 -20.60 -18.33
N GLY B 119 -22.78 -21.27 -17.96
CA GLY B 119 -24.14 -21.00 -18.43
C GLY B 119 -24.70 -19.67 -17.96
N ALA B 120 -24.65 -19.41 -16.63
CA ALA B 120 -25.13 -18.17 -16.00
C ALA B 120 -24.42 -16.95 -16.56
N THR B 121 -23.10 -17.04 -16.91
CA THR B 121 -22.34 -15.92 -17.49
C THR B 121 -23.00 -15.48 -18.79
N GLU B 122 -23.39 -16.45 -19.61
CA GLU B 122 -24.02 -16.16 -20.89
C GLU B 122 -25.38 -15.52 -20.74
N HIS B 123 -26.11 -15.91 -19.68
CA HIS B 123 -27.41 -15.32 -19.35
C HIS B 123 -27.24 -13.87 -18.95
N ALA B 124 -26.25 -13.59 -18.06
CA ALA B 124 -25.92 -12.26 -17.55
C ALA B 124 -25.47 -11.32 -18.66
N LYS B 125 -24.69 -11.85 -19.63
CA LYS B 125 -24.22 -11.07 -20.80
C LYS B 125 -25.40 -10.77 -21.73
N GLY B 126 -26.23 -11.79 -21.95
CA GLY B 126 -27.42 -11.72 -22.79
C GLY B 126 -28.46 -10.76 -22.26
N ALA B 127 -28.68 -10.77 -20.93
CA ALA B 127 -29.63 -9.85 -20.32
C ALA B 127 -29.13 -8.40 -20.39
N LYS B 128 -27.81 -8.15 -20.21
CA LYS B 128 -27.21 -6.78 -20.26
C LYS B 128 -27.19 -6.26 -21.68
N ALA B 129 -26.71 -7.08 -22.65
CA ALA B 129 -26.66 -6.72 -24.06
C ALA B 129 -28.05 -6.33 -24.56
N ASN B 130 -29.08 -7.16 -24.27
CA ASN B 130 -30.47 -6.88 -24.66
C ASN B 130 -31.13 -5.74 -23.84
N GLY B 131 -30.73 -5.60 -22.57
CA GLY B 131 -31.25 -4.57 -21.67
C GLY B 131 -30.76 -3.19 -22.04
N ASP B 132 -29.53 -3.11 -22.53
CA ASP B 132 -28.88 -1.86 -22.93
C ASP B 132 -29.23 -1.41 -24.38
N ALA B 133 -29.39 -2.37 -25.32
CA ALA B 133 -29.80 -2.18 -26.72
C ALA B 133 -31.19 -1.59 -26.82
N SER B 134 -32.14 -2.11 -26.02
CA SER B 134 -33.53 -1.68 -26.00
C SER B 134 -33.69 -0.30 -25.39
N ALA B 135 -32.87 0.04 -24.36
CA ALA B 135 -32.87 1.35 -23.70
C ALA B 135 -32.53 2.47 -24.69
N VAL B 136 -31.69 2.17 -25.70
CA VAL B 136 -31.29 3.07 -26.77
C VAL B 136 -32.55 3.47 -27.55
N LYS B 137 -33.33 2.44 -27.98
CA LYS B 137 -34.58 2.60 -28.72
C LYS B 137 -35.62 3.42 -27.95
N VAL B 138 -35.68 3.25 -26.59
CA VAL B 138 -36.58 3.97 -25.68
C VAL B 138 -36.11 5.42 -25.53
N SER B 139 -34.79 5.65 -25.43
CA SER B 139 -34.22 6.99 -25.32
C SER B 139 -34.56 7.81 -26.56
N ASN B 140 -34.41 7.20 -27.76
CA ASN B 140 -34.73 7.82 -29.06
C ASN B 140 -36.21 8.22 -29.12
N LEU B 141 -37.09 7.39 -28.52
CA LEU B 141 -38.54 7.60 -28.43
C LEU B 141 -38.84 8.77 -27.54
N LEU B 142 -38.03 8.97 -26.48
CA LEU B 142 -38.17 10.11 -25.55
C LEU B 142 -37.61 11.33 -26.22
N ALA B 143 -36.51 11.19 -26.98
CA ALA B 143 -35.86 12.26 -27.73
C ALA B 143 -36.82 12.89 -28.75
N ARG B 144 -37.65 12.02 -29.40
CA ARG B 144 -38.68 12.43 -30.35
C ARG B 144 -39.84 13.14 -29.62
N ALA B 145 -40.13 12.73 -28.35
CA ALA B 145 -41.15 13.35 -27.49
C ALA B 145 -40.77 14.76 -26.99
N LYS B 146 -39.45 15.09 -27.03
CA LYS B 146 -38.91 16.40 -26.67
C LYS B 146 -39.19 17.41 -27.82
N GLU B 147 -39.68 16.89 -28.98
CA GLU B 147 -40.00 17.64 -30.20
C GLU B 147 -41.53 17.80 -30.43
N SER B 148 -42.33 16.88 -29.83
CA SER B 148 -43.80 16.83 -29.86
C SER B 148 -44.52 18.18 -29.88
N GLU B 149 -45.63 18.29 -30.66
CA GLU B 149 -46.43 19.52 -30.69
C GLU B 149 -47.24 19.73 -29.39
N ASN B 150 -47.41 18.67 -28.57
CA ASN B 150 -48.12 18.82 -27.30
C ASN B 150 -47.23 19.60 -26.32
N GLN B 151 -47.82 20.59 -25.64
CA GLN B 151 -47.02 21.35 -24.71
C GLN B 151 -46.68 20.50 -23.50
N TYR B 152 -47.57 19.57 -23.17
CA TYR B 152 -47.45 18.70 -22.00
C TYR B 152 -46.48 17.59 -22.20
N VAL B 153 -46.44 17.01 -23.40
CA VAL B 153 -45.51 15.92 -23.77
C VAL B 153 -44.09 16.48 -23.89
N LYS B 154 -43.92 17.62 -24.61
CA LYS B 154 -42.60 18.26 -24.75
C LYS B 154 -42.01 18.56 -23.37
N GLU B 155 -42.81 19.13 -22.43
CA GLU B 155 -42.33 19.45 -21.07
C GLU B 155 -42.01 18.20 -20.21
N ALA B 156 -42.86 17.17 -20.26
CA ALA B 156 -42.66 15.93 -19.50
C ALA B 156 -41.36 15.22 -19.94
N ALA B 157 -41.06 15.21 -21.26
CA ALA B 157 -39.86 14.61 -21.85
C ALA B 157 -38.63 15.42 -21.49
N GLU B 158 -38.80 16.75 -21.35
CA GLU B 158 -37.75 17.68 -20.97
C GLU B 158 -37.37 17.51 -19.50
N GLU B 159 -38.38 17.48 -18.60
CA GLU B 159 -38.19 17.30 -17.16
C GLU B 159 -37.57 15.96 -16.84
N CYS B 160 -37.92 14.94 -17.65
CA CYS B 160 -37.46 13.55 -17.59
C CYS B 160 -35.91 13.50 -17.64
N SER B 161 -35.30 12.84 -16.59
CA SER B 161 -33.85 12.65 -16.34
C SER B 161 -33.22 11.36 -16.88
N GLU B 162 -31.96 11.46 -17.34
CA GLU B 162 -31.17 10.34 -17.86
C GLU B 162 -30.51 9.67 -16.64
N SER B 163 -31.19 8.66 -16.06
CA SER B 163 -30.74 7.98 -14.85
C SER B 163 -30.66 6.48 -14.97
N THR B 164 -30.08 5.86 -13.95
CA THR B 164 -29.92 4.42 -13.85
C THR B 164 -30.48 3.95 -12.50
N ASN B 165 -31.46 3.04 -12.56
CA ASN B 165 -32.18 2.45 -11.44
C ASN B 165 -31.26 1.38 -10.85
N TYR B 166 -30.87 1.57 -9.60
CA TYR B 166 -29.91 0.64 -9.01
C TYR B 166 -30.58 -0.63 -8.44
N ASP B 167 -31.86 -0.56 -8.04
CA ASP B 167 -32.59 -1.68 -7.46
C ASP B 167 -33.48 -2.48 -8.46
N VAL B 168 -32.96 -2.70 -9.69
CA VAL B 168 -33.67 -3.45 -10.74
C VAL B 168 -33.66 -4.92 -10.40
N THR B 169 -34.80 -5.59 -10.64
CA THR B 169 -35.07 -7.02 -10.52
C THR B 169 -35.94 -7.40 -11.71
N ALA B 170 -36.16 -8.71 -11.91
CA ALA B 170 -36.99 -9.25 -12.99
C ALA B 170 -38.43 -8.77 -12.82
N LYS B 171 -38.88 -8.68 -11.55
CA LYS B 171 -40.20 -8.21 -11.10
C LYS B 171 -40.43 -6.73 -11.42
N SER B 172 -39.53 -5.82 -10.94
CA SER B 172 -39.61 -4.36 -11.11
C SER B 172 -39.65 -3.93 -12.55
N LEU B 173 -38.92 -4.66 -13.42
CA LEU B 173 -38.84 -4.38 -14.85
C LEU B 173 -40.13 -4.78 -15.55
N ALA B 174 -40.64 -6.00 -15.29
CA ALA B 174 -41.90 -6.45 -15.88
C ALA B 174 -42.99 -5.43 -15.51
N ALA B 175 -42.98 -4.95 -14.24
CA ALA B 175 -43.88 -3.96 -13.66
C ALA B 175 -43.82 -2.61 -14.40
N ALA B 176 -42.60 -2.20 -14.85
CA ALA B 176 -42.39 -0.94 -15.60
C ALA B 176 -42.93 -1.10 -17.03
N LEU B 177 -42.78 -2.31 -17.61
CA LEU B 177 -43.24 -2.66 -18.95
C LEU B 177 -44.76 -2.76 -19.05
N ASP B 178 -45.42 -3.09 -17.92
CA ASP B 178 -46.88 -3.20 -17.82
C ASP B 178 -47.53 -1.82 -17.95
N LYS B 179 -46.82 -0.76 -17.47
CA LYS B 179 -47.25 0.63 -17.54
C LYS B 179 -47.46 1.13 -18.98
N LEU B 180 -46.69 0.57 -19.95
CA LEU B 180 -46.77 0.95 -21.37
C LEU B 180 -47.02 -0.29 -22.20
N PRO B 181 -48.28 -0.75 -22.33
CA PRO B 181 -48.53 -1.98 -23.11
C PRO B 181 -48.28 -1.86 -24.63
N GLY B 182 -48.35 -0.62 -25.14
CA GLY B 182 -48.11 -0.30 -26.53
C GLY B 182 -46.66 -0.41 -26.93
N VAL B 183 -45.74 -0.07 -25.99
CA VAL B 183 -44.30 -0.15 -26.17
C VAL B 183 -43.89 -1.62 -26.02
N LYS B 184 -44.31 -2.26 -24.92
CA LYS B 184 -44.08 -3.68 -24.57
C LYS B 184 -44.41 -4.61 -25.74
N GLU B 185 -45.52 -4.35 -26.43
CA GLU B 185 -45.93 -5.20 -27.53
C GLU B 185 -45.47 -4.70 -28.91
N ASP B 186 -44.73 -3.57 -28.99
CA ASP B 186 -44.23 -3.07 -30.29
C ASP B 186 -43.21 -4.06 -30.85
N ASN B 187 -43.39 -4.51 -32.12
CA ASN B 187 -42.56 -5.52 -32.83
C ASN B 187 -41.04 -5.24 -32.88
N ALA B 188 -40.64 -3.97 -32.76
CA ALA B 188 -39.23 -3.52 -32.78
C ALA B 188 -38.43 -3.92 -31.54
N VAL B 189 -39.13 -4.08 -30.41
CA VAL B 189 -38.56 -4.38 -29.09
C VAL B 189 -39.22 -5.54 -28.37
N LYS B 190 -40.47 -5.89 -28.76
CA LYS B 190 -41.30 -6.94 -28.16
C LYS B 190 -40.52 -8.15 -27.70
N THR B 191 -39.80 -8.82 -28.64
CA THR B 191 -39.01 -10.04 -28.36
C THR B 191 -37.77 -9.74 -27.50
N THR B 192 -37.08 -8.59 -27.72
CA THR B 192 -35.92 -8.17 -26.93
C THR B 192 -36.33 -8.06 -25.47
N PHE B 193 -37.52 -7.49 -25.23
CA PHE B 193 -38.11 -7.32 -23.91
C PHE B 193 -38.42 -8.66 -23.25
N GLN B 194 -38.92 -9.61 -24.05
CA GLN B 194 -39.26 -10.93 -23.57
C GLN B 194 -37.96 -11.72 -23.28
N SER B 195 -36.89 -11.47 -24.07
CA SER B 195 -35.58 -12.08 -23.93
C SER B 195 -34.88 -11.67 -22.63
N ILE B 196 -35.17 -10.44 -22.11
CA ILE B 196 -34.58 -9.94 -20.86
C ILE B 196 -35.23 -10.66 -19.70
N LEU B 197 -36.57 -10.66 -19.65
CA LEU B 197 -37.34 -11.30 -18.59
C LEU B 197 -36.95 -12.78 -18.41
N THR B 198 -36.77 -13.53 -19.52
CA THR B 198 -36.36 -14.93 -19.43
C THR B 198 -34.89 -15.04 -18.94
N SER B 199 -33.94 -14.29 -19.59
CA SER B 199 -32.50 -14.27 -19.26
C SER B 199 -32.24 -13.97 -17.80
N LEU B 200 -32.95 -12.96 -17.26
CA LEU B 200 -32.83 -12.57 -15.86
C LEU B 200 -33.34 -13.68 -14.94
N ASP B 201 -34.50 -14.29 -15.28
CA ASP B 201 -35.08 -15.37 -14.48
C ASP B 201 -34.21 -16.60 -14.46
N ASN B 202 -33.59 -16.94 -15.62
CA ASN B 202 -32.70 -18.09 -15.72
C ASN B 202 -31.39 -17.84 -15.00
N LEU B 203 -30.91 -16.56 -14.98
CA LEU B 203 -29.67 -16.18 -14.30
C LEU B 203 -29.80 -16.34 -12.79
N ASP B 204 -30.98 -16.03 -12.24
CA ASP B 204 -31.19 -16.22 -10.81
C ASP B 204 -31.30 -17.72 -10.48
N LYS B 205 -31.97 -18.48 -11.36
CA LYS B 205 -32.16 -19.94 -11.22
C LYS B 205 -30.83 -20.68 -11.23
N ASP B 206 -29.84 -20.16 -11.98
CA ASP B 206 -28.50 -20.73 -12.05
C ASP B 206 -27.66 -20.39 -10.81
N VAL B 207 -27.54 -19.07 -10.44
CA VAL B 207 -26.78 -18.54 -9.28
C VAL B 207 -27.16 -19.27 -7.98
N LYS B 208 -28.48 -19.52 -7.79
CA LYS B 208 -29.04 -20.24 -6.65
C LYS B 208 -28.65 -21.71 -6.68
N SER B 209 -28.71 -22.34 -7.86
N SER B 209 -28.71 -22.35 -7.86
CA SER B 209 -28.34 -23.74 -8.06
CA SER B 209 -28.34 -23.76 -8.04
C SER B 209 -26.84 -23.99 -7.84
C SER B 209 -26.84 -23.99 -7.82
N VAL B 210 -26.00 -22.94 -8.03
CA VAL B 210 -24.56 -23.01 -7.80
C VAL B 210 -24.30 -23.01 -6.29
N GLU B 211 -25.08 -22.21 -5.51
CA GLU B 211 -25.03 -22.12 -4.04
C GLU B 211 -25.46 -23.48 -3.45
N GLN B 212 -26.39 -24.19 -4.14
CA GLN B 212 -26.88 -25.49 -3.72
C GLN B 212 -25.87 -26.56 -4.01
N ARG B 213 -25.31 -26.65 -5.24
CA ARG B 213 -24.31 -27.70 -5.56
C ARG B 213 -23.08 -27.61 -4.69
N ALA B 214 -22.68 -26.39 -4.30
CA ALA B 214 -21.55 -26.20 -3.40
C ALA B 214 -21.79 -26.74 -1.96
N GLU B 215 -22.99 -26.49 -1.31
CA GLU B 215 -23.33 -27.07 0.03
C GLU B 215 -23.29 -28.66 0.00
N GLU B 216 -23.83 -29.27 -1.09
CA GLU B 216 -23.90 -30.69 -1.40
C GLU B 216 -22.49 -31.20 -1.68
N LEU B 217 -21.57 -30.31 -2.06
CA LEU B 217 -20.18 -30.64 -2.34
C LEU B 217 -19.40 -30.64 -1.03
N GLU B 218 -19.41 -29.49 -0.32
CA GLU B 218 -18.72 -29.29 0.96
C GLU B 218 -19.05 -30.41 1.95
N THR B 219 -20.33 -30.87 1.93
CA THR B 219 -20.85 -31.97 2.76
C THR B 219 -20.13 -33.25 2.44
N ALA B 220 -19.92 -33.52 1.16
CA ALA B 220 -19.22 -34.72 0.71
C ALA B 220 -17.75 -34.75 1.16
N LEU B 221 -17.02 -33.59 1.07
CA LEU B 221 -15.61 -33.43 1.49
C LEU B 221 -15.43 -33.59 3.00
N GLU B 222 -16.47 -33.23 3.77
CA GLU B 222 -16.49 -33.35 5.23
C GLU B 222 -16.72 -34.82 5.56
N LYS B 223 -17.67 -35.46 4.86
CA LYS B 223 -17.96 -36.89 5.01
C LYS B 223 -16.77 -37.77 4.56
N ALA B 224 -15.99 -37.32 3.54
CA ALA B 224 -14.80 -38.04 3.06
C ALA B 224 -13.70 -37.88 4.09
N GLU B 225 -13.67 -36.73 4.78
CA GLU B 225 -12.70 -36.43 5.84
C GLU B 225 -13.00 -37.25 7.10
N ARG B 226 -14.29 -37.37 7.49
CA ARG B 226 -14.75 -38.14 8.67
C ARG B 226 -14.31 -39.60 8.53
N GLN B 227 -14.54 -40.19 7.33
CA GLN B 227 -14.17 -41.56 7.00
C GLN B 227 -12.64 -41.74 6.84
N LEU B 228 -11.88 -40.67 6.50
CA LEU B 228 -10.42 -40.78 6.41
C LEU B 228 -9.85 -40.88 7.82
N GLU B 229 -10.47 -40.17 8.78
CA GLU B 229 -10.10 -40.21 10.20
C GLU B 229 -10.40 -41.63 10.75
N LYS B 230 -11.58 -42.18 10.40
CA LYS B 230 -12.05 -43.53 10.76
C LYS B 230 -11.13 -44.62 10.18
N ALA B 231 -10.61 -44.40 8.95
CA ALA B 231 -9.71 -45.34 8.28
C ALA B 231 -8.33 -45.34 8.92
N GLU B 232 -7.67 -44.16 8.98
CA GLU B 232 -6.35 -43.92 9.56
C GLU B 232 -6.23 -44.45 11.01
N LYS B 233 -7.25 -44.18 11.87
CA LYS B 233 -7.22 -44.62 13.27
C LYS B 233 -7.50 -46.11 13.46
N ALA B 234 -7.92 -46.80 12.38
CA ALA B 234 -8.15 -48.24 12.37
C ALA B 234 -6.89 -48.89 11.77
N ALA B 235 -6.18 -48.15 10.88
CA ALA B 235 -4.95 -48.53 10.17
C ALA B 235 -3.75 -48.44 11.10
N GLU B 236 -3.61 -47.32 11.86
CA GLU B 236 -2.59 -47.10 12.87
C GLU B 236 -2.84 -48.05 14.02
N GLU B 237 -4.10 -48.47 14.22
CA GLU B 237 -4.49 -49.43 15.24
C GLU B 237 -3.96 -50.82 14.83
N ALA B 238 -4.02 -51.14 13.53
CA ALA B 238 -3.54 -52.41 12.97
C ALA B 238 -2.01 -52.47 12.99
N GLU B 239 -1.35 -51.31 12.83
CA GLU B 239 0.12 -51.16 12.87
C GLU B 239 0.62 -51.27 14.31
N THR B 240 -0.27 -51.03 15.32
CA THR B 240 0.06 -51.14 16.75
C THR B 240 0.25 -52.63 17.08
N GLU B 241 -0.65 -53.49 16.57
CA GLU B 241 -0.63 -54.93 16.81
C GLU B 241 0.37 -55.70 15.91
N SER B 242 0.83 -55.08 14.78
CA SER B 242 1.78 -55.66 13.81
C SER B 242 3.25 -55.58 14.22
N SER B 243 3.64 -54.55 15.00
CA SER B 243 5.00 -54.40 15.51
C SER B 243 5.18 -55.29 16.75
N LYS B 244 4.04 -55.66 17.41
CA LYS B 244 3.92 -56.52 18.59
C LYS B 244 4.23 -58.01 18.31
N VAL B 245 4.00 -58.47 17.04
CA VAL B 245 4.24 -59.84 16.52
C VAL B 245 3.51 -60.88 17.38
N VAL C 1 -7.04 18.55 1.21
CA VAL C 1 -7.91 19.72 0.96
C VAL C 1 -7.44 20.58 -0.27
N LEU C 2 -8.29 20.65 -1.32
CA LEU C 2 -8.03 21.37 -2.57
C LEU C 2 -8.03 22.86 -2.34
N SER C 3 -6.92 23.50 -2.73
CA SER C 3 -6.71 24.93 -2.57
C SER C 3 -7.39 25.64 -3.71
N PRO C 4 -7.65 26.97 -3.60
CA PRO C 4 -8.22 27.72 -4.74
C PRO C 4 -7.36 27.59 -6.01
N ALA C 5 -6.04 27.43 -5.83
CA ALA C 5 -5.10 27.24 -6.95
C ALA C 5 -5.30 25.86 -7.58
N ASP C 6 -5.44 24.78 -6.73
CA ASP C 6 -5.67 23.39 -7.16
C ASP C 6 -6.95 23.34 -7.99
N LYS C 7 -8.03 23.96 -7.46
CA LYS C 7 -9.37 24.03 -8.04
C LYS C 7 -9.39 24.64 -9.43
N THR C 8 -8.65 25.74 -9.60
CA THR C 8 -8.51 26.45 -10.88
C THR C 8 -7.91 25.53 -11.94
N ASN C 9 -6.82 24.80 -11.59
CA ASN C 9 -6.13 23.87 -12.48
C ASN C 9 -7.02 22.73 -12.94
N VAL C 10 -7.83 22.18 -12.01
CA VAL C 10 -8.75 21.09 -12.33
C VAL C 10 -9.72 21.56 -13.39
N LYS C 11 -10.46 22.61 -13.05
CA LYS C 11 -11.48 23.24 -13.89
C LYS C 11 -10.91 23.59 -15.27
N ALA C 12 -9.67 24.13 -15.31
CA ALA C 12 -8.98 24.47 -16.53
C ALA C 12 -8.64 23.21 -17.34
N ALA C 13 -8.03 22.18 -16.71
CA ALA C 13 -7.66 20.94 -17.40
C ALA C 13 -8.86 20.14 -17.89
N TRP C 14 -9.91 20.02 -17.07
CA TRP C 14 -11.12 19.30 -17.46
C TRP C 14 -11.95 20.14 -18.45
N GLY C 15 -11.68 21.43 -18.46
CA GLY C 15 -12.27 22.38 -19.39
C GLY C 15 -11.74 22.13 -20.79
N LYS C 16 -10.44 21.72 -20.89
CA LYS C 16 -9.78 21.39 -22.15
C LYS C 16 -10.16 19.99 -22.65
N VAL C 17 -10.66 19.13 -21.74
CA VAL C 17 -11.11 17.79 -22.08
C VAL C 17 -12.36 17.95 -22.95
N GLY C 18 -13.33 18.71 -22.43
CA GLY C 18 -14.59 19.04 -23.10
C GLY C 18 -15.38 17.87 -23.66
N ALA C 19 -15.65 17.92 -24.97
CA ALA C 19 -16.43 16.88 -25.68
C ALA C 19 -15.77 15.47 -25.61
N HIS C 20 -14.43 15.45 -25.47
CA HIS C 20 -13.63 14.24 -25.41
C HIS C 20 -13.72 13.49 -24.07
N ALA C 21 -14.68 13.85 -23.16
CA ALA C 21 -14.86 13.21 -21.84
C ALA C 21 -15.12 11.69 -21.93
N GLY C 22 -16.10 11.28 -22.76
CA GLY C 22 -16.43 9.87 -22.98
C GLY C 22 -15.41 9.10 -23.80
N GLU C 23 -14.41 9.82 -24.33
CA GLU C 23 -13.32 9.25 -25.11
C GLU C 23 -12.21 8.89 -24.12
N TYR C 24 -11.83 9.86 -23.26
CA TYR C 24 -10.75 9.68 -22.30
C TYR C 24 -11.13 8.67 -21.19
N GLY C 25 -12.43 8.58 -20.86
CA GLY C 25 -12.96 7.62 -19.90
C GLY C 25 -12.79 6.18 -20.38
N ALA C 26 -13.20 5.89 -21.63
CA ALA C 26 -13.06 4.57 -22.24
C ALA C 26 -11.61 4.14 -22.29
N GLU C 27 -10.70 5.12 -22.49
CA GLU C 27 -9.26 4.93 -22.55
C GLU C 27 -8.71 4.57 -21.19
N ALA C 28 -9.06 5.36 -20.19
CA ALA C 28 -8.66 5.16 -18.80
C ALA C 28 -9.03 3.77 -18.32
N LEU C 29 -10.26 3.31 -18.65
CA LEU C 29 -10.70 1.99 -18.26
C LEU C 29 -9.94 0.91 -19.00
N GLU C 30 -9.70 1.09 -20.32
CA GLU C 30 -8.99 0.08 -21.15
C GLU C 30 -7.56 -0.08 -20.72
N ARG C 31 -6.96 1.02 -20.26
CA ARG C 31 -5.59 1.07 -19.74
C ARG C 31 -5.53 0.32 -18.39
N MET C 32 -6.57 0.53 -17.53
CA MET C 32 -6.74 -0.09 -16.22
C MET C 32 -6.85 -1.62 -16.30
N PHE C 33 -7.70 -2.14 -17.21
CA PHE C 33 -7.89 -3.56 -17.35
C PHE C 33 -6.64 -4.23 -17.86
N LEU C 34 -5.84 -3.52 -18.65
CA LEU C 34 -4.64 -4.10 -19.25
C LEU C 34 -3.50 -4.11 -18.26
N SER C 35 -3.33 -3.00 -17.51
CA SER C 35 -2.26 -2.85 -16.55
C SER C 35 -2.54 -3.66 -15.27
N PHE C 36 -3.79 -3.60 -14.78
CA PHE C 36 -4.24 -4.27 -13.56
C PHE C 36 -5.40 -5.26 -13.88
N PRO C 37 -5.07 -6.45 -14.45
CA PRO C 37 -6.12 -7.38 -14.90
C PRO C 37 -7.09 -7.87 -13.83
N THR C 38 -6.73 -7.67 -12.55
CA THR C 38 -7.49 -8.01 -11.36
C THR C 38 -8.80 -7.22 -11.31
N THR C 39 -8.82 -6.06 -11.99
CA THR C 39 -9.96 -5.13 -12.01
C THR C 39 -11.15 -5.62 -12.86
N LYS C 40 -10.85 -6.44 -13.89
CA LYS C 40 -11.81 -7.02 -14.83
C LYS C 40 -12.89 -7.88 -14.12
N THR C 41 -12.56 -8.45 -12.93
CA THR C 41 -13.45 -9.28 -12.13
C THR C 41 -14.78 -8.62 -11.79
N TYR C 42 -14.82 -7.29 -11.65
CA TYR C 42 -16.05 -6.57 -11.31
C TYR C 42 -17.00 -6.43 -12.50
N PHE C 43 -16.52 -6.87 -13.71
CA PHE C 43 -17.24 -6.82 -14.97
C PHE C 43 -17.26 -8.21 -15.63
N PRO C 44 -17.77 -9.30 -14.98
CA PRO C 44 -17.76 -10.61 -15.63
C PRO C 44 -18.69 -10.70 -16.84
N HIS C 45 -19.78 -9.90 -16.81
CA HIS C 45 -20.91 -9.79 -17.75
C HIS C 45 -20.68 -8.74 -18.87
N PHE C 46 -19.47 -8.23 -18.95
CA PHE C 46 -19.08 -7.24 -19.94
C PHE C 46 -18.22 -7.87 -21.02
N ASP C 47 -18.24 -7.24 -22.21
CA ASP C 47 -17.38 -7.57 -23.34
C ASP C 47 -16.20 -6.57 -23.17
N LEU C 48 -15.05 -7.08 -22.67
CA LEU C 48 -13.87 -6.25 -22.38
C LEU C 48 -12.83 -6.26 -23.52
N SER C 49 -13.24 -6.75 -24.74
CA SER C 49 -12.45 -6.80 -25.97
C SER C 49 -12.04 -5.37 -26.42
N HIS C 50 -10.97 -5.26 -27.25
CA HIS C 50 -10.49 -3.96 -27.71
C HIS C 50 -11.56 -3.18 -28.45
N GLY C 51 -11.75 -1.95 -28.01
CA GLY C 51 -12.74 -1.04 -28.57
C GLY C 51 -14.16 -1.53 -28.47
N SER C 52 -14.54 -2.07 -27.31
CA SER C 52 -15.89 -2.54 -27.11
C SER C 52 -16.77 -1.35 -26.92
N ALA C 53 -18.03 -1.50 -27.30
CA ALA C 53 -19.02 -0.45 -27.14
C ALA C 53 -19.54 -0.42 -25.70
N GLN C 54 -19.43 -1.55 -24.96
CA GLN C 54 -19.85 -1.70 -23.56
C GLN C 54 -18.93 -0.80 -22.74
N VAL C 55 -17.61 -0.91 -23.03
CA VAL C 55 -16.52 -0.16 -22.41
C VAL C 55 -16.61 1.33 -22.83
N LYS C 56 -17.00 1.58 -24.11
CA LYS C 56 -17.19 2.93 -24.65
C LYS C 56 -18.34 3.60 -23.90
N GLY C 57 -19.40 2.83 -23.69
CA GLY C 57 -20.59 3.26 -22.97
C GLY C 57 -20.30 3.57 -21.52
N HIS C 58 -19.65 2.59 -20.81
CA HIS C 58 -19.28 2.77 -19.41
C HIS C 58 -18.35 3.97 -19.22
N GLY C 59 -17.38 4.11 -20.12
CA GLY C 59 -16.43 5.22 -20.18
C GLY C 59 -17.08 6.59 -20.06
N LYS C 60 -18.16 6.85 -20.84
CA LYS C 60 -18.88 8.13 -20.80
C LYS C 60 -19.57 8.33 -19.44
N LYS C 61 -20.14 7.24 -18.87
CA LYS C 61 -20.84 7.28 -17.58
C LYS C 61 -19.87 7.68 -16.47
N VAL C 62 -18.63 7.13 -16.50
CA VAL C 62 -17.58 7.43 -15.52
C VAL C 62 -17.09 8.89 -15.67
N ALA C 63 -16.91 9.37 -16.92
CA ALA C 63 -16.44 10.73 -17.20
C ALA C 63 -17.46 11.83 -16.87
N ASP C 64 -18.76 11.59 -17.18
CA ASP C 64 -19.84 12.55 -16.87
C ASP C 64 -20.01 12.70 -15.36
N ALA C 65 -19.63 11.64 -14.63
CA ALA C 65 -19.65 11.65 -13.18
C ALA C 65 -18.58 12.62 -12.73
N LEU C 66 -17.41 12.54 -13.39
CA LEU C 66 -16.25 13.37 -13.10
C LEU C 66 -16.47 14.83 -13.52
N THR C 67 -17.22 15.04 -14.63
CA THR C 67 -17.62 16.36 -15.16
C THR C 67 -18.52 17.04 -14.11
N ASN C 68 -19.44 16.26 -13.49
CA ASN C 68 -20.32 16.72 -12.42
C ASN C 68 -19.47 17.06 -11.19
N ALA C 69 -18.52 16.17 -10.80
CA ALA C 69 -17.64 16.36 -9.66
C ALA C 69 -16.83 17.65 -9.77
N VAL C 70 -16.33 17.99 -10.98
CA VAL C 70 -15.57 19.21 -11.27
C VAL C 70 -16.50 20.39 -11.04
N ALA C 71 -17.70 20.37 -11.68
CA ALA C 71 -18.72 21.41 -11.54
C ALA C 71 -19.05 21.70 -10.08
N HIS C 72 -19.13 20.64 -9.24
CA HIS C 72 -19.39 20.76 -7.81
C HIS C 72 -18.15 20.38 -6.98
N VAL C 73 -17.01 21.06 -7.20
CA VAL C 73 -15.74 20.80 -6.50
C VAL C 73 -15.83 21.16 -4.98
N ASP C 74 -16.53 22.29 -4.64
CA ASP C 74 -16.69 22.80 -3.27
C ASP C 74 -17.57 21.91 -2.41
N ASP C 75 -18.54 21.21 -3.03
CA ASP C 75 -19.45 20.27 -2.37
C ASP C 75 -19.46 18.95 -3.13
N MET C 76 -18.30 18.29 -3.17
CA MET C 76 -18.12 17.03 -3.86
C MET C 76 -18.81 15.83 -3.16
N PRO C 77 -18.90 15.75 -1.79
CA PRO C 77 -19.54 14.58 -1.17
C PRO C 77 -21.04 14.43 -1.47
N ASN C 78 -21.76 15.53 -1.62
CA ASN C 78 -23.18 15.48 -1.90
C ASN C 78 -23.41 15.24 -3.38
N ALA C 79 -22.50 15.78 -4.23
CA ALA C 79 -22.49 15.66 -5.69
C ALA C 79 -22.44 14.21 -6.11
N LEU C 80 -21.67 13.39 -5.37
CA LEU C 80 -21.46 11.97 -5.64
C LEU C 80 -22.04 11.05 -4.56
N SER C 81 -23.00 11.56 -3.75
CA SER C 81 -23.66 10.81 -2.67
C SER C 81 -24.33 9.53 -3.16
N ALA C 82 -24.78 9.53 -4.44
CA ALA C 82 -25.45 8.42 -5.11
C ALA C 82 -24.48 7.28 -5.32
N LEU C 83 -23.33 7.58 -5.94
CA LEU C 83 -22.26 6.63 -6.30
C LEU C 83 -21.50 6.11 -5.14
N SER C 84 -21.22 6.96 -4.15
CA SER C 84 -20.50 6.59 -2.94
C SER C 84 -21.23 5.44 -2.21
N ASP C 85 -22.57 5.35 -2.39
CA ASP C 85 -23.45 4.31 -1.84
C ASP C 85 -23.49 3.11 -2.76
N LEU C 86 -23.67 3.33 -4.09
CA LEU C 86 -23.68 2.27 -5.12
C LEU C 86 -22.41 1.41 -5.08
N HIS C 87 -21.24 2.06 -5.13
CA HIS C 87 -19.94 1.42 -5.09
C HIS C 87 -19.69 0.66 -3.76
N ALA C 88 -20.05 1.30 -2.62
CA ALA C 88 -19.87 0.78 -1.27
C ALA C 88 -20.78 -0.38 -0.87
N HIS C 89 -22.10 -0.20 -1.02
CA HIS C 89 -23.07 -1.19 -0.58
C HIS C 89 -23.54 -2.16 -1.64
N LYS C 90 -23.62 -1.72 -2.93
CA LYS C 90 -24.10 -2.62 -3.98
C LYS C 90 -22.98 -3.38 -4.72
N LEU C 91 -21.99 -2.68 -5.25
CA LEU C 91 -20.88 -3.31 -5.97
C LEU C 91 -19.86 -4.02 -5.04
N ARG C 92 -19.51 -3.37 -3.93
CA ARG C 92 -18.51 -3.85 -2.97
C ARG C 92 -17.10 -3.88 -3.58
N VAL C 93 -16.75 -2.82 -4.31
CA VAL C 93 -15.44 -2.65 -4.97
C VAL C 93 -14.35 -2.49 -3.89
N ASP C 94 -13.20 -3.22 -4.00
CA ASP C 94 -12.16 -3.00 -2.98
C ASP C 94 -11.57 -1.61 -3.17
N PRO C 95 -11.51 -0.83 -2.06
CA PRO C 95 -10.97 0.54 -2.14
C PRO C 95 -9.62 0.70 -2.85
N VAL C 96 -8.75 -0.33 -2.80
CA VAL C 96 -7.43 -0.31 -3.45
C VAL C 96 -7.50 -0.12 -4.95
N ASN C 97 -8.66 -0.41 -5.57
CA ASN C 97 -8.88 -0.27 -6.99
C ASN C 97 -9.12 1.19 -7.42
N PHE C 98 -9.68 2.02 -6.50
CA PHE C 98 -9.93 3.42 -6.81
C PHE C 98 -8.63 4.16 -7.12
N LYS C 99 -7.51 3.66 -6.54
CA LYS C 99 -6.16 4.19 -6.73
C LYS C 99 -5.67 3.90 -8.14
N LEU C 100 -6.02 2.71 -8.65
CA LEU C 100 -5.62 2.23 -9.97
C LEU C 100 -6.26 2.99 -11.11
N LEU C 101 -7.60 3.22 -11.04
CA LEU C 101 -8.30 3.96 -12.12
C LEU C 101 -7.84 5.39 -12.12
N SER C 102 -7.69 5.98 -10.93
CA SER C 102 -7.23 7.36 -10.75
C SER C 102 -5.90 7.60 -11.50
N HIS C 103 -4.94 6.64 -11.42
CA HIS C 103 -3.64 6.73 -12.11
C HIS C 103 -3.80 6.61 -13.62
N CYS C 104 -4.67 5.70 -14.08
CA CYS C 104 -4.92 5.51 -15.50
C CYS C 104 -5.61 6.73 -16.13
N LEU C 105 -6.38 7.48 -15.31
CA LEU C 105 -7.00 8.70 -15.75
C LEU C 105 -5.91 9.75 -15.97
N LEU C 106 -4.89 9.79 -15.08
CA LEU C 106 -3.74 10.71 -15.22
C LEU C 106 -2.91 10.34 -16.43
N VAL C 107 -2.74 9.02 -16.70
CA VAL C 107 -2.01 8.53 -17.85
C VAL C 107 -2.72 8.96 -19.12
N THR C 108 -4.08 8.92 -19.11
CA THR C 108 -4.87 9.34 -20.25
C THR C 108 -4.66 10.82 -20.49
N LEU C 109 -4.85 11.65 -19.45
CA LEU C 109 -4.67 13.09 -19.56
C LEU C 109 -3.25 13.52 -19.91
N ALA C 110 -2.23 12.73 -19.58
CA ALA C 110 -0.87 13.11 -19.91
C ALA C 110 -0.67 12.97 -21.42
N ALA C 111 -1.17 11.86 -22.00
CA ALA C 111 -1.06 11.50 -23.41
C ALA C 111 -1.79 12.42 -24.37
N HIS C 112 -2.87 13.08 -23.89
CA HIS C 112 -3.74 13.93 -24.70
C HIS C 112 -3.62 15.43 -24.48
N LEU C 113 -3.11 15.85 -23.33
CA LEU C 113 -2.97 17.27 -23.03
C LEU C 113 -1.49 17.52 -22.82
N PRO C 114 -0.72 17.74 -23.91
CA PRO C 114 0.74 17.94 -23.76
C PRO C 114 1.12 19.23 -23.04
N ALA C 115 0.40 20.31 -23.36
CA ALA C 115 0.65 21.60 -22.78
C ALA C 115 0.13 21.67 -21.33
N GLU C 116 -1.16 21.31 -21.11
CA GLU C 116 -1.93 21.38 -19.87
C GLU C 116 -1.33 20.62 -18.68
N PHE C 117 -0.97 19.34 -18.88
CA PHE C 117 -0.41 18.47 -17.85
C PHE C 117 1.04 18.85 -17.53
N THR C 118 1.17 19.94 -16.81
CA THR C 118 2.45 20.48 -16.37
C THR C 118 2.69 19.95 -14.95
N PRO C 119 3.89 20.10 -14.30
CA PRO C 119 4.02 19.61 -12.90
C PRO C 119 3.03 20.23 -11.92
N ALA C 120 2.73 21.51 -12.11
CA ALA C 120 1.78 22.24 -11.26
C ALA C 120 0.38 21.63 -11.34
N VAL C 121 -0.03 21.23 -12.57
CA VAL C 121 -1.34 20.66 -12.90
C VAL C 121 -1.39 19.17 -12.52
N HIS C 122 -0.29 18.42 -12.76
CA HIS C 122 -0.14 16.99 -12.42
C HIS C 122 -0.48 16.79 -10.93
N ALA C 123 0.07 17.67 -10.06
CA ALA C 123 -0.14 17.63 -8.62
C ALA C 123 -1.61 17.86 -8.30
N SER C 124 -2.22 18.93 -8.88
CA SER C 124 -3.61 19.33 -8.65
C SER C 124 -4.64 18.34 -9.18
N LEU C 125 -4.33 17.63 -10.27
CA LEU C 125 -5.22 16.61 -10.80
C LEU C 125 -5.20 15.40 -9.89
N ASP C 126 -3.98 14.90 -9.47
CA ASP C 126 -3.87 13.76 -8.53
C ASP C 126 -4.53 14.10 -7.18
N LYS C 127 -4.40 15.35 -6.67
CA LYS C 127 -5.04 15.71 -5.42
C LYS C 127 -6.54 15.57 -5.56
N PHE C 128 -7.09 16.04 -6.68
CA PHE C 128 -8.52 15.96 -6.99
C PHE C 128 -9.05 14.56 -7.13
N LEU C 129 -8.40 13.72 -7.96
CA LEU C 129 -8.82 12.34 -8.19
C LEU C 129 -8.77 11.49 -6.92
N ALA C 130 -7.92 11.87 -5.92
CA ALA C 130 -7.77 11.23 -4.61
C ALA C 130 -8.99 11.58 -3.79
N SER C 131 -9.43 12.85 -3.88
CA SER C 131 -10.61 13.40 -3.24
C SER C 131 -11.88 12.75 -3.77
N VAL C 132 -11.91 12.43 -5.09
CA VAL C 132 -13.06 11.76 -5.71
C VAL C 132 -13.10 10.33 -5.16
N SER C 133 -11.92 9.67 -5.05
CA SER C 133 -11.80 8.31 -4.52
C SER C 133 -12.26 8.26 -3.08
N THR C 134 -11.88 9.26 -2.27
CA THR C 134 -12.19 9.42 -0.83
C THR C 134 -13.70 9.44 -0.61
N VAL C 135 -14.39 10.20 -1.48
CA VAL C 135 -15.84 10.33 -1.45
C VAL C 135 -16.45 8.96 -1.71
N LEU C 136 -16.05 8.29 -2.82
CA LEU C 136 -16.60 6.98 -3.17
C LEU C 136 -16.33 5.88 -2.12
N THR C 137 -15.20 5.96 -1.42
CA THR C 137 -14.82 5.00 -0.36
C THR C 137 -15.44 5.36 1.03
N SER C 138 -16.04 6.55 1.18
CA SER C 138 -16.59 7.05 2.44
C SER C 138 -17.72 6.21 3.11
N LYS C 139 -18.50 5.47 2.33
CA LYS C 139 -19.60 4.66 2.89
C LYS C 139 -19.29 3.15 3.12
N TYR C 140 -18.01 2.76 3.17
CA TYR C 140 -17.62 1.35 3.33
C TYR C 140 -17.71 0.83 4.79
N ARG C 141 -17.98 1.73 5.75
CA ARG C 141 -18.12 1.37 7.16
C ARG C 141 -19.36 2.03 7.77
N HIS D 1 6.64 -11.29 -15.22
CA HIS D 1 7.50 -11.16 -16.39
C HIS D 1 6.73 -10.74 -17.66
N LEU D 2 7.48 -10.36 -18.70
CA LEU D 2 6.95 -9.83 -19.95
C LEU D 2 6.91 -10.85 -21.06
N THR D 3 5.98 -10.64 -22.02
CA THR D 3 5.83 -11.50 -23.20
C THR D 3 6.79 -11.00 -24.29
N PRO D 4 7.32 -11.89 -25.18
CA PRO D 4 8.23 -11.42 -26.24
C PRO D 4 7.69 -10.29 -27.12
N GLU D 5 6.36 -10.18 -27.24
CA GLU D 5 5.72 -9.10 -28.00
C GLU D 5 5.84 -7.76 -27.21
N GLU D 6 5.73 -7.85 -25.86
CA GLU D 6 5.85 -6.70 -24.97
C GLU D 6 7.30 -6.25 -24.92
N LYS D 7 8.26 -7.20 -24.74
CA LYS D 7 9.71 -6.91 -24.72
C LYS D 7 10.12 -6.12 -25.96
N SER D 8 9.40 -6.36 -27.08
CA SER D 8 9.60 -5.72 -28.39
C SER D 8 9.15 -4.25 -28.35
N ALA D 9 7.92 -3.96 -27.89
CA ALA D 9 7.41 -2.59 -27.81
C ALA D 9 8.14 -1.73 -26.77
N VAL D 10 8.53 -2.34 -25.63
CA VAL D 10 9.24 -1.70 -24.51
C VAL D 10 10.60 -1.16 -24.95
N THR D 11 11.50 -2.05 -25.46
CA THR D 11 12.85 -1.67 -25.90
C THR D 11 12.81 -0.74 -27.13
N ALA D 12 11.66 -0.72 -27.84
CA ALA D 12 11.40 0.15 -28.99
C ALA D 12 11.30 1.58 -28.51
N LEU D 13 10.28 1.85 -27.68
CA LEU D 13 9.99 3.16 -27.11
C LEU D 13 11.19 3.71 -26.32
N TRP D 14 11.86 2.87 -25.51
CA TRP D 14 12.99 3.30 -24.66
C TRP D 14 14.18 3.86 -25.45
N GLY D 15 14.40 3.34 -26.66
CA GLY D 15 15.47 3.82 -27.55
C GLY D 15 15.21 5.21 -28.11
N LYS D 16 13.98 5.74 -27.92
CA LYS D 16 13.54 7.06 -28.38
C LYS D 16 13.48 8.11 -27.22
N VAL D 17 13.63 7.68 -25.93
CA VAL D 17 13.57 8.60 -24.79
C VAL D 17 14.87 9.39 -24.66
N ASN D 18 14.75 10.73 -24.47
CA ASN D 18 15.89 11.62 -24.28
C ASN D 18 16.46 11.37 -22.88
N VAL D 19 17.42 10.41 -22.77
CA VAL D 19 18.12 9.95 -21.54
C VAL D 19 18.60 11.12 -20.65
N ASP D 20 19.09 12.20 -21.31
CA ASP D 20 19.62 13.42 -20.72
C ASP D 20 18.61 14.18 -19.87
N GLU D 21 17.32 14.17 -20.24
CA GLU D 21 16.31 14.94 -19.53
C GLU D 21 15.07 14.17 -18.96
N VAL D 22 14.58 13.07 -19.59
CA VAL D 22 13.36 12.39 -19.08
C VAL D 22 13.48 11.91 -17.63
N GLY D 23 14.71 11.74 -17.16
CA GLY D 23 14.96 11.34 -15.78
C GLY D 23 14.65 12.44 -14.76
N GLY D 24 15.07 13.67 -15.09
CA GLY D 24 14.86 14.82 -14.23
C GLY D 24 13.41 15.24 -14.20
N GLU D 25 12.69 14.96 -15.29
CA GLU D 25 11.27 15.27 -15.44
C GLU D 25 10.44 14.37 -14.52
N ALA D 26 10.85 13.12 -14.35
CA ALA D 26 10.16 12.20 -13.45
C ALA D 26 10.49 12.54 -11.98
N LEU D 27 11.80 12.63 -11.65
CA LEU D 27 12.30 12.95 -10.30
C LEU D 27 11.77 14.27 -9.76
N GLY D 28 11.71 15.28 -10.62
CA GLY D 28 11.16 16.60 -10.30
C GLY D 28 9.69 16.49 -10.01
N ARG D 29 8.95 15.82 -10.92
CA ARG D 29 7.50 15.57 -10.79
C ARG D 29 7.14 14.86 -9.48
N LEU D 30 8.00 13.90 -9.02
CA LEU D 30 7.82 13.19 -7.75
C LEU D 30 7.82 14.19 -6.57
N LEU D 31 8.88 15.01 -6.46
CA LEU D 31 9.05 16.03 -5.42
C LEU D 31 7.96 17.14 -5.44
N VAL D 32 7.29 17.32 -6.62
CA VAL D 32 6.22 18.32 -6.84
C VAL D 32 4.83 17.72 -6.44
N VAL D 33 4.53 16.46 -6.87
CA VAL D 33 3.25 15.77 -6.62
C VAL D 33 3.16 15.20 -5.19
N TYR D 34 4.24 14.57 -4.74
CA TYR D 34 4.39 13.95 -3.44
C TYR D 34 5.51 14.72 -2.71
N PRO D 35 5.20 15.88 -2.08
CA PRO D 35 6.25 16.73 -1.52
C PRO D 35 7.08 16.16 -0.37
N TRP D 36 6.54 15.25 0.44
CA TRP D 36 7.27 14.68 1.58
C TRP D 36 8.59 14.00 1.22
N THR D 37 8.74 13.54 -0.04
CA THR D 37 9.92 12.88 -0.62
C THR D 37 11.13 13.82 -0.63
N GLN D 38 10.87 15.12 -0.46
CA GLN D 38 11.86 16.17 -0.41
C GLN D 38 12.80 16.03 0.78
N ARG D 39 12.38 15.36 1.90
CA ARG D 39 13.23 15.15 3.08
C ARG D 39 14.54 14.47 2.70
N PHE D 40 14.49 13.77 1.60
CA PHE D 40 15.56 12.97 1.06
C PHE D 40 16.49 13.77 0.19
N PHE D 41 16.11 15.02 -0.12
CA PHE D 41 16.86 15.89 -1.02
C PHE D 41 16.87 17.32 -0.53
N GLU D 42 17.29 17.55 0.69
CA GLU D 42 17.31 18.91 1.24
C GLU D 42 18.60 19.69 0.84
N SER D 43 19.62 18.96 0.35
CA SER D 43 20.91 19.46 -0.11
C SER D 43 20.86 19.87 -1.58
N PHE D 44 19.72 19.63 -2.25
CA PHE D 44 19.59 19.94 -3.65
C PHE D 44 19.47 21.44 -3.92
N GLY D 45 19.16 22.21 -2.88
CA GLY D 45 19.00 23.66 -2.94
C GLY D 45 17.57 24.13 -2.92
N ASP D 46 17.20 24.94 -3.93
CA ASP D 46 15.87 25.54 -4.08
C ASP D 46 14.84 24.53 -4.62
N LEU D 47 13.79 24.24 -3.80
CA LEU D 47 12.72 23.29 -4.16
C LEU D 47 11.32 23.85 -3.77
N SER D 48 11.29 25.14 -3.35
CA SER D 48 10.09 25.87 -2.89
C SER D 48 8.91 25.94 -3.88
N THR D 49 9.16 26.01 -5.20
CA THR D 49 8.11 26.07 -6.25
C THR D 49 8.35 25.04 -7.36
N PRO D 50 7.29 24.55 -8.08
CA PRO D 50 7.53 23.59 -9.18
C PRO D 50 8.57 24.06 -10.21
N ASP D 51 8.61 25.37 -10.53
CA ASP D 51 9.58 25.91 -11.48
C ASP D 51 11.01 25.99 -10.90
N ALA D 52 11.15 26.07 -9.55
CA ALA D 52 12.46 26.06 -8.87
C ALA D 52 13.04 24.66 -8.89
N VAL D 53 12.14 23.66 -8.67
CA VAL D 53 12.42 22.24 -8.64
C VAL D 53 12.81 21.84 -10.05
N MET D 54 11.89 22.07 -11.02
CA MET D 54 12.14 21.63 -12.41
C MET D 54 13.41 22.23 -12.99
N GLY D 55 13.71 23.45 -12.58
CA GLY D 55 14.91 24.17 -12.99
C GLY D 55 16.18 23.65 -12.35
N ASN D 56 16.11 23.22 -11.06
CA ASN D 56 17.24 22.72 -10.25
C ASN D 56 18.21 21.79 -11.01
N PRO D 57 19.48 22.22 -11.27
CA PRO D 57 20.42 21.36 -12.03
C PRO D 57 20.74 20.04 -11.33
N LYS D 58 20.71 20.03 -9.98
CA LYS D 58 20.95 18.85 -9.18
C LYS D 58 19.86 17.81 -9.40
N VAL D 59 18.59 18.25 -9.56
CA VAL D 59 17.43 17.40 -9.78
C VAL D 59 17.54 16.72 -11.16
N LYS D 60 17.84 17.50 -12.22
CA LYS D 60 17.98 17.02 -13.61
C LYS D 60 19.17 16.07 -13.73
N ALA D 61 20.22 16.36 -12.94
CA ALA D 61 21.47 15.63 -12.84
C ALA D 61 21.24 14.25 -12.23
N HIS D 62 20.73 14.23 -10.97
CA HIS D 62 20.44 13.03 -10.23
C HIS D 62 19.38 12.22 -10.97
N GLY D 63 18.47 12.94 -11.65
CA GLY D 63 17.43 12.36 -12.51
C GLY D 63 18.02 11.50 -13.60
N LYS D 64 19.14 11.93 -14.20
CA LYS D 64 19.83 11.17 -15.27
C LYS D 64 20.42 9.84 -14.71
N LYS D 65 20.98 9.85 -13.47
CA LYS D 65 21.61 8.69 -12.82
C LYS D 65 20.54 7.68 -12.39
N VAL D 66 19.30 8.14 -12.08
CA VAL D 66 18.22 7.21 -11.70
C VAL D 66 17.59 6.59 -12.93
N LEU D 67 17.58 7.33 -14.06
CA LEU D 67 17.04 6.80 -15.32
C LEU D 67 18.00 5.78 -15.89
N GLY D 68 19.30 5.97 -15.62
CA GLY D 68 20.38 5.08 -16.05
C GLY D 68 20.26 3.70 -15.46
N ALA D 69 19.68 3.64 -14.25
CA ALA D 69 19.37 2.42 -13.52
C ALA D 69 18.17 1.78 -14.19
N PHE D 70 17.20 2.61 -14.65
CA PHE D 70 16.03 2.12 -15.37
C PHE D 70 16.44 1.53 -16.72
N SER D 71 17.41 2.16 -17.42
CA SER D 71 17.95 1.73 -18.71
C SER D 71 18.72 0.40 -18.56
N ASP D 72 19.38 0.22 -17.38
CA ASP D 72 20.17 -0.95 -16.96
C ASP D 72 19.24 -2.15 -16.77
N GLY D 73 18.24 -1.99 -15.91
CA GLY D 73 17.25 -3.01 -15.57
C GLY D 73 16.29 -3.38 -16.70
N LEU D 74 16.17 -2.52 -17.73
CA LEU D 74 15.30 -2.76 -18.89
C LEU D 74 15.94 -3.73 -19.87
N ALA D 75 17.26 -3.91 -19.76
CA ALA D 75 18.07 -4.81 -20.56
C ALA D 75 18.03 -6.24 -19.97
N HIS D 76 18.26 -6.35 -18.64
CA HIS D 76 18.27 -7.62 -17.90
C HIS D 76 16.92 -7.83 -17.19
N LEU D 77 15.83 -7.90 -17.97
CA LEU D 77 14.47 -8.10 -17.43
C LEU D 77 14.34 -9.44 -16.70
N ASP D 78 15.03 -10.46 -17.22
CA ASP D 78 15.07 -11.81 -16.66
C ASP D 78 15.77 -11.86 -15.28
N ASN D 79 16.65 -10.85 -14.99
CA ASN D 79 17.35 -10.76 -13.71
C ASN D 79 17.36 -9.33 -13.20
N LEU D 80 16.26 -8.95 -12.52
CA LEU D 80 16.14 -7.62 -11.96
C LEU D 80 16.68 -7.60 -10.54
N LYS D 81 16.47 -8.72 -9.78
CA LYS D 81 16.90 -8.90 -8.39
C LYS D 81 18.39 -8.58 -8.15
N GLY D 82 19.25 -9.05 -9.05
CA GLY D 82 20.69 -8.84 -8.99
C GLY D 82 21.14 -7.50 -9.53
N THR D 83 20.49 -7.03 -10.61
CA THR D 83 20.82 -5.75 -11.25
C THR D 83 20.71 -4.59 -10.23
N PHE D 84 19.60 -4.53 -9.47
CA PHE D 84 19.34 -3.50 -8.49
C PHE D 84 19.81 -3.84 -7.09
N ALA D 85 20.47 -4.99 -6.91
CA ALA D 85 20.97 -5.46 -5.62
C ALA D 85 21.81 -4.40 -4.83
N THR D 86 22.79 -3.75 -5.49
CA THR D 86 23.64 -2.76 -4.84
C THR D 86 22.83 -1.57 -4.37
N LEU D 87 21.87 -1.15 -5.21
CA LEU D 87 20.95 -0.04 -4.90
C LEU D 87 19.99 -0.39 -3.78
N SER D 88 19.57 -1.66 -3.67
CA SER D 88 18.67 -2.13 -2.63
C SER D 88 19.27 -1.88 -1.22
N GLU D 89 20.60 -2.11 -1.09
CA GLU D 89 21.39 -1.86 0.12
C GLU D 89 21.33 -0.37 0.50
N LEU D 90 21.44 0.52 -0.49
CA LEU D 90 21.41 1.96 -0.26
C LEU D 90 20.03 2.49 0.16
N HIS D 91 18.97 2.09 -0.56
CA HIS D 91 17.60 2.54 -0.33
C HIS D 91 16.92 1.92 0.88
N CYS D 92 17.25 0.66 1.21
CA CYS D 92 16.60 -0.04 2.32
C CYS D 92 17.34 0.06 3.65
N ASP D 93 18.53 -0.57 3.78
CA ASP D 93 19.33 -0.66 5.01
C ASP D 93 20.11 0.61 5.36
N LYS D 94 20.26 1.54 4.40
CA LYS D 94 20.98 2.77 4.66
C LYS D 94 20.06 4.00 4.74
N LEU D 95 19.38 4.34 3.64
CA LEU D 95 18.52 5.53 3.62
C LEU D 95 17.24 5.32 4.42
N HIS D 96 16.74 4.07 4.39
CA HIS D 96 15.49 3.61 4.96
C HIS D 96 14.33 4.36 4.29
N VAL D 97 14.15 4.05 2.97
CA VAL D 97 13.16 4.61 2.03
C VAL D 97 11.98 3.67 1.98
N ASP D 98 10.75 4.15 2.25
CA ASP D 98 9.55 3.30 2.22
C ASP D 98 9.29 2.80 0.79
N PRO D 99 9.11 1.47 0.58
CA PRO D 99 8.96 0.95 -0.80
C PRO D 99 7.86 1.55 -1.63
N GLU D 100 6.75 2.05 -1.04
CA GLU D 100 5.68 2.68 -1.81
C GLU D 100 6.20 3.88 -2.61
N ASN D 101 7.18 4.64 -2.06
CA ASN D 101 7.80 5.80 -2.72
C ASN D 101 8.44 5.38 -4.05
N PHE D 102 9.02 4.16 -4.13
CA PHE D 102 9.62 3.62 -5.37
C PHE D 102 8.50 3.42 -6.37
N ARG D 103 7.37 2.91 -5.87
CA ARG D 103 6.16 2.62 -6.63
C ARG D 103 5.59 3.93 -7.19
N LEU D 104 5.53 5.00 -6.35
CA LEU D 104 5.06 6.33 -6.71
C LEU D 104 5.89 6.94 -7.81
N LEU D 105 7.23 6.85 -7.72
CA LEU D 105 8.15 7.32 -8.75
C LEU D 105 7.97 6.52 -10.02
N GLY D 106 7.72 5.22 -9.89
CA GLY D 106 7.50 4.34 -11.01
C GLY D 106 6.31 4.77 -11.83
N ASN D 107 5.20 5.12 -11.16
CA ASN D 107 3.96 5.57 -11.82
C ASN D 107 4.12 6.95 -12.43
N VAL D 108 4.96 7.77 -11.82
CA VAL D 108 5.30 9.12 -12.29
C VAL D 108 6.11 9.05 -13.61
N LEU D 109 6.98 8.04 -13.76
CA LEU D 109 7.77 7.83 -14.96
C LEU D 109 6.83 7.48 -16.10
N VAL D 110 5.89 6.58 -15.82
CA VAL D 110 4.84 6.11 -16.75
C VAL D 110 3.99 7.35 -17.20
N CYS D 111 3.77 8.29 -16.29
CA CYS D 111 3.07 9.53 -16.57
C CYS D 111 3.87 10.45 -17.45
N VAL D 112 5.21 10.46 -17.29
CA VAL D 112 6.11 11.29 -18.07
C VAL D 112 6.20 10.74 -19.49
N LEU D 113 6.34 9.40 -19.62
CA LEU D 113 6.40 8.74 -20.92
C LEU D 113 5.12 8.94 -21.70
N ALA D 114 3.96 8.91 -21.03
CA ALA D 114 2.68 9.16 -21.68
C ALA D 114 2.64 10.62 -22.12
N HIS D 115 3.11 11.55 -21.27
CA HIS D 115 3.16 13.00 -21.53
C HIS D 115 4.02 13.35 -22.72
N HIS D 116 5.11 12.61 -22.91
CA HIS D 116 6.05 12.83 -24.00
C HIS D 116 5.66 12.07 -25.30
N PHE D 117 5.33 10.78 -25.25
CA PHE D 117 5.03 10.00 -26.46
C PHE D 117 3.62 10.16 -27.00
N GLY D 118 2.67 10.45 -26.12
CA GLY D 118 1.27 10.64 -26.50
C GLY D 118 0.62 9.39 -27.05
N LYS D 119 0.03 9.49 -28.25
CA LYS D 119 -0.64 8.39 -28.96
C LYS D 119 0.29 7.18 -29.26
N GLU D 120 1.61 7.35 -29.01
CA GLU D 120 2.62 6.31 -29.19
C GLU D 120 2.64 5.43 -27.93
N PHE D 121 2.22 6.00 -26.75
CA PHE D 121 2.14 5.31 -25.46
C PHE D 121 0.77 4.65 -25.24
N THR D 122 0.43 3.75 -26.17
CA THR D 122 -0.82 2.97 -26.26
C THR D 122 -1.14 2.11 -25.01
N PRO D 123 -2.44 1.86 -24.69
CA PRO D 123 -2.78 1.01 -23.54
C PRO D 123 -1.94 -0.28 -23.39
N PRO D 124 -1.65 -1.08 -24.46
CA PRO D 124 -0.81 -2.27 -24.28
C PRO D 124 0.66 -1.98 -23.97
N VAL D 125 1.21 -0.84 -24.48
CA VAL D 125 2.61 -0.49 -24.16
C VAL D 125 2.68 0.07 -22.74
N GLN D 126 1.59 0.76 -22.26
CA GLN D 126 1.50 1.27 -20.89
C GLN D 126 1.53 0.06 -19.97
N ALA D 127 0.65 -0.93 -20.25
CA ALA D 127 0.54 -2.22 -19.56
C ALA D 127 1.89 -2.91 -19.38
N ALA D 128 2.77 -2.84 -20.40
CA ALA D 128 4.10 -3.45 -20.36
C ALA D 128 5.09 -2.66 -19.51
N TYR D 129 5.03 -1.32 -19.60
CA TYR D 129 5.91 -0.48 -18.80
C TYR D 129 5.56 -0.59 -17.36
N GLN D 130 4.26 -0.83 -17.07
CA GLN D 130 3.73 -1.02 -15.74
C GLN D 130 4.36 -2.23 -15.08
N LYS D 131 4.55 -3.33 -15.88
CA LYS D 131 5.16 -4.59 -15.43
C LYS D 131 6.63 -4.33 -15.08
N VAL D 132 7.31 -3.53 -15.91
CA VAL D 132 8.71 -3.15 -15.78
C VAL D 132 8.92 -2.35 -14.48
N VAL D 133 8.18 -1.24 -14.33
CA VAL D 133 8.28 -0.37 -13.16
C VAL D 133 7.90 -1.12 -11.88
N ALA D 134 7.00 -2.13 -11.97
CA ALA D 134 6.61 -2.91 -10.81
C ALA D 134 7.77 -3.77 -10.40
N GLY D 135 8.47 -4.34 -11.40
CA GLY D 135 9.64 -5.17 -11.22
C GLY D 135 10.77 -4.40 -10.57
N VAL D 136 11.09 -3.22 -11.14
CA VAL D 136 12.14 -2.33 -10.65
C VAL D 136 11.85 -1.87 -9.20
N ALA D 137 10.56 -1.77 -8.86
CA ALA D 137 10.13 -1.44 -7.50
C ALA D 137 10.41 -2.60 -6.56
N ASN D 138 10.09 -3.84 -6.98
CA ASN D 138 10.33 -5.03 -6.17
C ASN D 138 11.80 -5.31 -5.99
N ALA D 139 12.59 -5.25 -7.09
CA ALA D 139 14.03 -5.49 -7.11
C ALA D 139 14.79 -4.58 -6.14
N LEU D 140 14.30 -3.33 -5.97
CA LEU D 140 14.88 -2.33 -5.08
C LEU D 140 14.49 -2.57 -3.63
N ALA D 141 13.25 -3.07 -3.41
CA ALA D 141 12.70 -3.35 -2.07
C ALA D 141 12.94 -4.81 -1.65
N HIS D 142 13.90 -5.46 -2.34
CA HIS D 142 14.28 -6.86 -2.12
C HIS D 142 14.89 -7.06 -0.75
N LYS D 143 15.69 -6.09 -0.26
CA LYS D 143 16.33 -6.17 1.06
C LYS D 143 15.35 -6.15 2.26
N TYR D 144 14.06 -5.82 2.03
CA TYR D 144 13.01 -5.80 3.04
C TYR D 144 12.34 -7.17 3.13
N HIS D 145 12.03 -7.69 1.91
CA HIS D 145 11.36 -8.90 1.43
C HIS D 145 10.48 -8.53 0.19
N VAL E 1 -16.62 8.30 7.84
CA VAL E 1 -17.36 9.27 8.66
C VAL E 1 -17.94 8.60 9.92
N LEU E 2 -17.49 9.04 11.12
CA LEU E 2 -17.86 8.49 12.43
C LEU E 2 -19.32 8.73 12.75
N SER E 3 -20.01 7.63 13.03
CA SER E 3 -21.44 7.63 13.34
C SER E 3 -21.61 7.95 14.80
N PRO E 4 -22.82 8.37 15.23
CA PRO E 4 -23.05 8.60 16.67
C PRO E 4 -22.72 7.37 17.52
N ALA E 5 -22.91 6.16 16.94
CA ALA E 5 -22.60 4.92 17.62
C ALA E 5 -21.08 4.74 17.73
N ASP E 6 -20.31 5.05 16.64
CA ASP E 6 -18.83 4.97 16.58
C ASP E 6 -18.25 5.88 17.66
N LYS E 7 -18.76 7.15 17.71
CA LYS E 7 -18.36 8.23 18.61
C LYS E 7 -18.50 7.83 20.08
N THR E 8 -19.63 7.20 20.42
CA THR E 8 -19.92 6.73 21.78
C THR E 8 -18.88 5.74 22.23
N ASN E 9 -18.54 4.74 21.36
CA ASN E 9 -17.55 3.69 21.63
C ASN E 9 -16.17 4.25 21.88
N VAL E 10 -15.75 5.25 21.06
CA VAL E 10 -14.44 5.88 21.20
C VAL E 10 -14.35 6.50 22.58
N LYS E 11 -15.27 7.44 22.85
CA LYS E 11 -15.38 8.20 24.10
C LYS E 11 -15.41 7.24 25.32
N ALA E 12 -16.17 6.15 25.21
CA ALA E 12 -16.28 5.15 26.23
C ALA E 12 -14.93 4.40 26.43
N ALA E 13 -14.30 3.91 25.32
CA ALA E 13 -13.02 3.19 25.39
C ALA E 13 -11.86 4.08 25.84
N TRP E 14 -11.77 5.31 25.35
CA TRP E 14 -10.72 6.23 25.78
C TRP E 14 -11.02 6.78 27.20
N GLY E 15 -12.28 6.66 27.61
CA GLY E 15 -12.73 7.01 28.94
C GLY E 15 -12.16 6.03 29.94
N LYS E 16 -12.06 4.73 29.53
CA LYS E 16 -11.49 3.63 30.34
C LYS E 16 -9.95 3.68 30.36
N VAL E 17 -9.34 4.37 29.37
CA VAL E 17 -7.90 4.58 29.22
C VAL E 17 -7.45 5.46 30.39
N GLY E 18 -8.14 6.59 30.55
CA GLY E 18 -7.98 7.57 31.62
C GLY E 18 -6.58 7.84 32.14
N ALA E 19 -6.38 7.53 33.44
CA ALA E 19 -5.13 7.74 34.17
C ALA E 19 -3.87 7.14 33.52
N HIS E 20 -4.01 5.98 32.85
CA HIS E 20 -2.91 5.27 32.20
C HIS E 20 -2.56 5.75 30.79
N ALA E 21 -3.21 6.82 30.28
CA ALA E 21 -2.97 7.36 28.94
C ALA E 21 -1.49 7.48 28.57
N GLY E 22 -0.68 8.04 29.48
CA GLY E 22 0.76 8.23 29.31
C GLY E 22 1.61 6.99 29.12
N GLU E 23 1.30 5.89 29.85
CA GLU E 23 2.01 4.60 29.82
C GLU E 23 1.71 3.88 28.50
N TYR E 24 0.46 4.04 28.02
CA TYR E 24 -0.09 3.44 26.81
C TYR E 24 0.58 3.99 25.58
N GLY E 25 0.55 5.31 25.45
CA GLY E 25 1.25 6.03 24.38
C GLY E 25 2.69 5.57 24.26
N ALA E 26 3.41 5.50 25.41
CA ALA E 26 4.80 5.03 25.49
C ALA E 26 4.95 3.61 24.96
N GLU E 27 4.00 2.69 25.31
CA GLU E 27 3.99 1.31 24.82
C GLU E 27 3.73 1.28 23.28
N ALA E 28 2.68 2.04 22.78
CA ALA E 28 2.33 2.14 21.35
C ALA E 28 3.56 2.50 20.54
N LEU E 29 4.33 3.48 21.01
CA LEU E 29 5.55 3.89 20.33
C LEU E 29 6.62 2.85 20.40
N GLU E 30 6.81 2.20 21.57
CA GLU E 30 7.84 1.17 21.77
C GLU E 30 7.57 -0.04 20.91
N ARG E 31 6.28 -0.36 20.70
CA ARG E 31 5.79 -1.46 19.87
C ARG E 31 6.08 -1.13 18.40
N MET E 32 5.85 0.15 18.01
CA MET E 32 6.08 0.67 16.66
C MET E 32 7.55 0.61 16.24
N PHE E 33 8.46 1.06 17.12
CA PHE E 33 9.89 1.03 16.80
C PHE E 33 10.42 -0.38 16.68
N LEU E 34 9.82 -1.31 17.41
CA LEU E 34 10.28 -2.69 17.41
C LEU E 34 9.76 -3.45 16.19
N SER E 35 8.46 -3.22 15.85
CA SER E 35 7.83 -3.91 14.74
C SER E 35 8.26 -3.30 13.41
N PHE E 36 8.32 -1.95 13.34
CA PHE E 36 8.67 -1.20 12.14
C PHE E 36 9.92 -0.33 12.40
N PRO E 37 11.14 -0.96 12.40
CA PRO E 37 12.35 -0.21 12.78
C PRO E 37 12.72 1.01 11.91
N THR E 38 12.22 1.09 10.65
CA THR E 38 12.51 2.27 9.82
C THR E 38 11.78 3.53 10.35
N THR E 39 10.87 3.41 11.38
CA THR E 39 10.20 4.56 12.01
C THR E 39 11.15 5.35 12.95
N LYS E 40 12.15 4.65 13.52
CA LYS E 40 13.17 5.20 14.43
C LYS E 40 13.98 6.35 13.80
N THR E 41 14.11 6.37 12.45
CA THR E 41 14.84 7.40 11.69
C THR E 41 14.36 8.82 11.96
N TYR E 42 13.08 9.03 12.28
CA TYR E 42 12.55 10.36 12.57
C TYR E 42 12.96 10.88 13.95
N PHE E 43 13.61 10.02 14.76
CA PHE E 43 14.07 10.30 16.12
C PHE E 43 15.58 9.96 16.27
N PRO E 44 16.51 10.52 15.45
CA PRO E 44 17.92 10.16 15.61
C PRO E 44 18.55 10.67 16.92
N HIS E 45 18.00 11.79 17.46
CA HIS E 45 18.37 12.56 18.65
C HIS E 45 17.67 12.11 19.94
N PHE E 46 16.97 10.99 19.85
CA PHE E 46 16.25 10.39 20.97
C PHE E 46 17.01 9.18 21.49
N ASP E 47 16.78 8.87 22.79
CA ASP E 47 17.26 7.66 23.44
C ASP E 47 16.06 6.69 23.29
N LEU E 48 16.17 5.73 22.35
CA LEU E 48 15.10 4.77 22.05
C LEU E 48 15.27 3.42 22.77
N SER E 49 16.14 3.38 23.81
CA SER E 49 16.38 2.21 24.68
C SER E 49 15.10 1.82 25.45
N HIS E 50 15.01 0.56 25.91
CA HIS E 50 13.83 0.07 26.62
C HIS E 50 13.51 0.91 27.84
N GLY E 51 12.25 1.34 27.92
CA GLY E 51 11.74 2.17 29.00
C GLY E 51 12.46 3.48 29.19
N SER E 52 12.75 4.17 28.09
CA SER E 52 13.43 5.45 28.14
C SER E 52 12.46 6.47 28.65
N ALA E 53 12.98 7.50 29.28
CA ALA E 53 12.14 8.57 29.79
C ALA E 53 11.78 9.55 28.65
N GLN E 54 12.59 9.58 27.56
CA GLN E 54 12.36 10.42 26.36
C GLN E 54 11.11 9.90 25.67
N VAL E 55 11.04 8.55 25.55
CA VAL E 55 9.93 7.78 24.96
C VAL E 55 8.69 7.86 25.90
N LYS E 56 8.91 7.87 27.23
CA LYS E 56 7.85 8.01 28.23
C LYS E 56 7.24 9.40 28.10
N GLY E 57 8.11 10.39 27.91
CA GLY E 57 7.74 11.79 27.71
C GLY E 57 6.97 12.00 26.44
N HIS E 58 7.53 11.52 25.30
CA HIS E 58 6.86 11.64 24.00
C HIS E 58 5.51 10.93 24.00
N GLY E 59 5.45 9.75 24.62
CA GLY E 59 4.25 8.94 24.80
C GLY E 59 3.07 9.73 25.34
N LYS E 60 3.28 10.53 26.41
CA LYS E 60 2.22 11.35 27.01
C LYS E 60 1.77 12.46 26.04
N LYS E 61 2.71 13.06 25.30
CA LYS E 61 2.43 14.14 24.35
C LYS E 61 1.54 13.62 23.21
N VAL E 62 1.81 12.38 22.73
CA VAL E 62 1.02 11.73 21.68
C VAL E 62 -0.40 11.38 22.17
N ALA E 63 -0.50 10.86 23.43
CA ALA E 63 -1.77 10.47 24.03
C ALA E 63 -2.68 11.66 24.39
N ASP E 64 -2.10 12.76 24.93
CA ASP E 64 -2.86 13.96 25.27
C ASP E 64 -3.42 14.63 24.03
N ALA E 65 -2.75 14.37 22.88
CA ALA E 65 -3.18 14.86 21.57
C ALA E 65 -4.45 14.11 21.24
N LEU E 66 -4.42 12.80 21.48
CA LEU E 66 -5.52 11.91 21.21
C LEU E 66 -6.70 12.12 22.16
N THR E 67 -6.41 12.48 23.44
CA THR E 67 -7.39 12.82 24.49
C THR E 67 -8.14 14.08 24.05
N ASN E 68 -7.42 15.07 23.46
CA ASN E 68 -7.98 16.29 22.92
C ASN E 68 -8.84 15.94 21.71
N ALA E 69 -8.32 15.10 20.78
CA ALA E 69 -9.03 14.66 19.57
C ALA E 69 -10.37 14.02 19.90
N VAL E 70 -10.41 13.17 20.97
CA VAL E 70 -11.64 12.49 21.43
C VAL E 70 -12.61 13.58 21.92
N ALA E 71 -12.15 14.46 22.82
CA ALA E 71 -12.95 15.56 23.35
C ALA E 71 -13.58 16.40 22.23
N HIS E 72 -12.83 16.65 21.13
CA HIS E 72 -13.31 17.41 19.97
C HIS E 72 -13.47 16.49 18.73
N VAL E 73 -14.26 15.41 18.85
CA VAL E 73 -14.50 14.43 17.78
C VAL E 73 -15.28 15.07 16.56
N ASP E 74 -16.26 15.96 16.84
CA ASP E 74 -17.11 16.61 15.83
C ASP E 74 -16.36 17.62 15.00
N ASP E 75 -15.32 18.25 15.58
CA ASP E 75 -14.44 19.22 14.93
C ASP E 75 -12.98 18.83 15.17
N MET E 76 -12.60 17.66 14.65
CA MET E 76 -11.27 17.12 14.75
C MET E 76 -10.21 17.88 13.90
N PRO E 77 -10.53 18.42 12.69
CA PRO E 77 -9.49 19.10 11.90
C PRO E 77 -8.93 20.37 12.53
N ASN E 78 -9.76 21.12 13.26
CA ASN E 78 -9.33 22.35 13.90
C ASN E 78 -8.62 22.04 15.21
N ALA E 79 -9.05 20.97 15.88
CA ALA E 79 -8.51 20.46 17.14
C ALA E 79 -7.03 20.11 16.98
N LEU E 80 -6.65 19.54 15.81
CA LEU E 80 -5.30 19.12 15.51
C LEU E 80 -4.65 19.93 14.36
N SER E 81 -5.17 21.15 14.09
CA SER E 81 -4.66 22.06 13.04
C SER E 81 -3.18 22.39 13.23
N ALA E 82 -2.70 22.39 14.49
CA ALA E 82 -1.34 22.67 14.88
C ALA E 82 -0.41 21.59 14.40
N LEU E 83 -0.74 20.32 14.75
CA LEU E 83 0.03 19.12 14.45
C LEU E 83 0.01 18.71 12.99
N SER E 84 -1.14 18.89 12.33
CA SER E 84 -1.32 18.58 10.90
C SER E 84 -0.32 19.38 10.06
N ASP E 85 0.10 20.58 10.56
CA ASP E 85 1.08 21.47 9.95
C ASP E 85 2.50 21.05 10.37
N LEU E 86 2.72 20.79 11.69
CA LEU E 86 4.03 20.38 12.25
C LEU E 86 4.54 19.12 11.56
N HIS E 87 3.66 18.14 11.38
CA HIS E 87 3.98 16.87 10.75
C HIS E 87 4.21 16.97 9.25
N ALA E 88 3.36 17.73 8.58
CA ALA E 88 3.46 17.95 7.16
C ALA E 88 4.68 18.77 6.77
N HIS E 89 4.76 20.02 7.26
CA HIS E 89 5.78 20.96 6.83
C HIS E 89 7.09 20.96 7.59
N LYS E 90 7.09 20.67 8.89
CA LYS E 90 8.33 20.65 9.66
C LYS E 90 9.02 19.23 9.73
N LEU E 91 8.29 18.18 10.12
CA LEU E 91 8.92 16.87 10.26
C LEU E 91 9.00 16.09 8.96
N ARG E 92 8.05 16.32 8.02
CA ARG E 92 7.95 15.66 6.71
C ARG E 92 7.91 14.12 6.86
N VAL E 93 7.05 13.64 7.78
CA VAL E 93 6.85 12.21 8.07
C VAL E 93 6.15 11.56 6.86
N ASP E 94 6.64 10.39 6.36
CA ASP E 94 5.90 9.76 5.25
C ASP E 94 4.53 9.31 5.74
N PRO E 95 3.45 9.70 5.02
CA PRO E 95 2.08 9.32 5.44
C PRO E 95 1.86 7.85 5.75
N VAL E 96 2.62 6.93 5.11
CA VAL E 96 2.51 5.47 5.33
C VAL E 96 2.80 5.07 6.78
N ASN E 97 3.51 5.92 7.53
CA ASN E 97 3.86 5.69 8.92
C ASN E 97 2.69 5.94 9.88
N PHE E 98 1.77 6.84 9.51
CA PHE E 98 0.61 7.14 10.36
C PHE E 98 -0.26 5.90 10.53
N LYS E 99 -0.22 4.98 9.53
CA LYS E 99 -0.93 3.72 9.54
C LYS E 99 -0.34 2.76 10.54
N LEU E 100 1.00 2.79 10.65
CA LEU E 100 1.77 1.91 11.56
C LEU E 100 1.55 2.24 13.02
N LEU E 101 1.59 3.54 13.43
CA LEU E 101 1.37 3.91 14.82
C LEU E 101 -0.06 3.62 15.22
N SER E 102 -1.00 3.94 14.31
CA SER E 102 -2.43 3.70 14.51
C SER E 102 -2.70 2.21 14.88
N HIS E 103 -2.04 1.25 14.19
CA HIS E 103 -2.17 -0.19 14.46
C HIS E 103 -1.55 -0.56 15.83
N CYS E 104 -0.38 0.01 16.16
CA CYS E 104 0.26 -0.24 17.44
C CYS E 104 -0.53 0.33 18.61
N LEU E 105 -1.33 1.38 18.36
CA LEU E 105 -2.22 1.92 19.36
C LEU E 105 -3.37 0.93 19.58
N LEU E 106 -3.86 0.27 18.52
CA LEU E 106 -4.90 -0.77 18.63
C LEU E 106 -4.35 -2.00 19.35
N VAL E 107 -3.08 -2.35 19.08
CA VAL E 107 -2.41 -3.47 19.74
C VAL E 107 -2.30 -3.16 21.23
N THR E 108 -2.01 -1.90 21.60
CA THR E 108 -1.91 -1.49 22.99
C THR E 108 -3.27 -1.63 23.64
N LEU E 109 -4.30 -1.04 23.04
CA LEU E 109 -5.67 -1.11 23.60
C LEU E 109 -6.24 -2.53 23.66
N ALA E 110 -5.78 -3.43 22.80
CA ALA E 110 -6.32 -4.78 22.85
C ALA E 110 -5.78 -5.48 24.09
N ALA E 111 -4.47 -5.30 24.37
CA ALA E 111 -3.72 -5.91 25.47
C ALA E 111 -4.13 -5.46 26.85
N HIS E 112 -4.68 -4.22 26.95
CA HIS E 112 -5.05 -3.59 28.21
C HIS E 112 -6.53 -3.51 28.50
N LEU E 113 -7.38 -3.56 27.48
CA LEU E 113 -8.82 -3.46 27.69
C LEU E 113 -9.43 -4.73 27.18
N PRO E 114 -9.45 -5.82 27.99
CA PRO E 114 -9.98 -7.11 27.50
C PRO E 114 -11.49 -7.10 27.27
N ALA E 115 -12.22 -6.39 28.15
CA ALA E 115 -13.67 -6.27 28.11
C ALA E 115 -14.12 -5.37 27.00
N GLU E 116 -13.75 -4.08 27.07
CA GLU E 116 -14.20 -3.07 26.12
C GLU E 116 -13.75 -3.28 24.68
N PHE E 117 -12.55 -3.84 24.41
CA PHE E 117 -12.12 -4.07 23.01
C PHE E 117 -12.90 -5.28 22.47
N THR E 118 -14.10 -5.01 21.97
CA THR E 118 -15.04 -5.96 21.40
C THR E 118 -15.03 -5.76 19.86
N PRO E 119 -15.63 -6.63 18.99
CA PRO E 119 -15.58 -6.36 17.55
C PRO E 119 -16.23 -5.01 17.15
N ALA E 120 -17.32 -4.66 17.84
CA ALA E 120 -18.04 -3.41 17.61
C ALA E 120 -17.15 -2.21 17.89
N VAL E 121 -16.32 -2.29 18.96
CA VAL E 121 -15.42 -1.25 19.43
C VAL E 121 -14.14 -1.22 18.58
N HIS E 122 -13.61 -2.41 18.21
CA HIS E 122 -12.42 -2.58 17.37
C HIS E 122 -12.60 -1.76 16.06
N ALA E 123 -13.79 -1.89 15.43
CA ALA E 123 -14.14 -1.19 14.20
C ALA E 123 -14.14 0.30 14.42
N SER E 124 -14.84 0.78 15.49
CA SER E 124 -14.98 2.20 15.84
C SER E 124 -13.69 2.88 16.25
N LEU E 125 -12.75 2.13 16.85
CA LEU E 125 -11.44 2.67 17.23
C LEU E 125 -10.58 2.84 15.98
N ASP E 126 -10.52 1.80 15.09
CA ASP E 126 -9.78 1.88 13.81
C ASP E 126 -10.35 2.98 12.92
N LYS E 127 -11.71 3.14 12.91
CA LYS E 127 -12.42 4.17 12.14
C LYS E 127 -11.90 5.53 12.54
N PHE E 128 -11.79 5.75 13.88
CA PHE E 128 -11.34 6.97 14.52
C PHE E 128 -9.88 7.27 14.29
N LEU E 129 -8.98 6.30 14.55
CA LEU E 129 -7.54 6.48 14.37
C LEU E 129 -7.15 6.78 12.92
N ALA E 130 -7.98 6.34 11.93
CA ALA E 130 -7.82 6.58 10.49
C ALA E 130 -8.14 8.03 10.21
N SER E 131 -9.19 8.54 10.88
CA SER E 131 -9.66 9.93 10.83
C SER E 131 -8.64 10.87 11.43
N VAL E 132 -7.93 10.42 12.48
CA VAL E 132 -6.87 11.21 13.12
C VAL E 132 -5.70 11.29 12.13
N SER E 133 -5.37 10.17 11.49
CA SER E 133 -4.29 10.08 10.50
C SER E 133 -4.57 11.00 9.30
N THR E 134 -5.84 11.00 8.82
CA THR E 134 -6.34 11.79 7.69
C THR E 134 -6.13 13.29 7.93
N VAL E 135 -6.43 13.73 9.16
CA VAL E 135 -6.25 15.11 9.60
C VAL E 135 -4.78 15.45 9.53
N LEU E 136 -3.90 14.64 10.15
CA LEU E 136 -2.46 14.91 10.17
C LEU E 136 -1.82 14.89 8.76
N THR E 137 -2.34 14.08 7.85
CA THR E 137 -1.85 14.01 6.47
C THR E 137 -2.48 15.08 5.53
N SER E 138 -3.49 15.83 6.00
CA SER E 138 -4.22 16.81 5.20
C SER E 138 -3.42 17.99 4.62
N LYS E 139 -2.29 18.36 5.24
CA LYS E 139 -1.50 19.50 4.77
C LYS E 139 -0.23 19.14 3.91
N TYR E 140 -0.20 17.98 3.16
CA TYR E 140 0.99 17.62 2.32
C TYR E 140 0.98 18.24 0.89
N HIS F 1 14.28 -15.11 8.68
CA HIS F 1 13.94 -13.73 9.05
C HIS F 1 13.79 -13.59 10.57
N LEU F 2 13.39 -14.66 11.30
CA LEU F 2 13.29 -14.56 12.75
C LEU F 2 14.59 -15.01 13.41
N THR F 3 14.87 -14.44 14.61
CA THR F 3 16.05 -14.78 15.41
C THR F 3 15.69 -15.98 16.28
N PRO F 4 16.66 -16.87 16.63
CA PRO F 4 16.34 -18.04 17.47
C PRO F 4 15.65 -17.70 18.80
N GLU F 5 15.86 -16.48 19.33
CA GLU F 5 15.21 -16.03 20.56
C GLU F 5 13.72 -15.73 20.28
N GLU F 6 13.44 -15.18 19.07
CA GLU F 6 12.08 -14.85 18.63
C GLU F 6 11.32 -16.14 18.34
N LYS F 7 11.94 -17.07 17.57
CA LYS F 7 11.36 -18.39 17.25
C LYS F 7 10.90 -19.11 18.52
N SER F 8 11.60 -18.85 19.64
CA SER F 8 11.35 -19.41 20.97
C SER F 8 10.07 -18.81 21.57
N ALA F 9 9.94 -17.47 21.62
CA ALA F 9 8.74 -16.82 22.17
C ALA F 9 7.48 -17.06 21.33
N VAL F 10 7.63 -17.10 19.99
CA VAL F 10 6.55 -17.31 18.99
C VAL F 10 5.90 -18.69 19.18
N THR F 11 6.68 -19.79 19.08
CA THR F 11 6.15 -21.16 19.20
C THR F 11 5.66 -21.45 20.62
N ALA F 12 6.10 -20.62 21.61
CA ALA F 12 5.69 -20.69 23.01
C ALA F 12 4.23 -20.27 23.11
N LEU F 13 3.96 -18.99 22.76
CA LEU F 13 2.64 -18.39 22.77
C LEU F 13 1.64 -19.19 21.93
N TRP F 14 2.04 -19.65 20.71
CA TRP F 14 1.14 -20.36 19.79
C TRP F 14 0.60 -21.68 20.34
N GLY F 15 1.39 -22.35 21.18
CA GLY F 15 0.98 -23.59 21.84
C GLY F 15 -0.09 -23.40 22.90
N LYS F 16 -0.39 -22.13 23.24
CA LYS F 16 -1.39 -21.73 24.24
C LYS F 16 -2.69 -21.17 23.59
N VAL F 17 -2.71 -20.92 22.26
CA VAL F 17 -3.88 -20.38 21.57
C VAL F 17 -4.94 -21.46 21.36
N ASN F 18 -6.21 -21.12 21.67
CA ASN F 18 -7.36 -22.02 21.50
C ASN F 18 -7.66 -22.12 19.99
N VAL F 19 -6.99 -23.10 19.31
CA VAL F 19 -7.07 -23.40 17.85
C VAL F 19 -8.51 -23.42 17.32
N ASP F 20 -9.43 -23.99 18.14
CA ASP F 20 -10.85 -24.16 17.88
C ASP F 20 -11.59 -22.84 17.62
N GLU F 21 -11.21 -21.76 18.33
CA GLU F 21 -11.94 -20.50 18.24
C GLU F 21 -11.11 -19.24 17.84
N VAL F 22 -9.79 -19.10 18.16
CA VAL F 22 -9.04 -17.86 17.82
C VAL F 22 -9.05 -17.54 16.33
N GLY F 23 -9.27 -18.55 15.49
CA GLY F 23 -9.34 -18.36 14.04
C GLY F 23 -10.60 -17.65 13.60
N GLY F 24 -11.73 -18.03 14.16
CA GLY F 24 -13.02 -17.43 13.86
C GLY F 24 -13.13 -16.01 14.40
N GLU F 25 -12.42 -15.72 15.51
CA GLU F 25 -12.37 -14.41 16.15
C GLU F 25 -11.62 -13.43 15.28
N ALA F 26 -10.56 -13.87 14.56
CA ALA F 26 -9.81 -13.02 13.64
C ALA F 26 -10.63 -12.79 12.35
N LEU F 27 -11.07 -13.89 11.69
CA LEU F 27 -11.87 -13.89 10.46
C LEU F 27 -13.17 -13.07 10.59
N GLY F 28 -13.85 -13.21 11.72
CA GLY F 28 -15.06 -12.47 12.02
C GLY F 28 -14.74 -11.01 12.16
N ARG F 29 -13.69 -10.69 12.96
CA ARG F 29 -13.22 -9.32 13.19
C ARG F 29 -12.86 -8.60 11.88
N LEU F 30 -12.29 -9.33 10.88
CA LEU F 30 -11.99 -8.79 9.55
C LEU F 30 -13.27 -8.31 8.86
N LEU F 31 -14.32 -9.19 8.78
CA LEU F 31 -15.63 -8.92 8.16
C LEU F 31 -16.42 -7.81 8.91
N VAL F 32 -16.06 -7.52 10.16
CA VAL F 32 -16.69 -6.49 11.00
C VAL F 32 -15.97 -5.11 10.85
N VAL F 33 -14.62 -5.10 10.89
CA VAL F 33 -13.79 -3.88 10.79
C VAL F 33 -13.66 -3.40 9.33
N TYR F 34 -13.43 -4.35 8.38
CA TYR F 34 -13.28 -4.11 6.95
C TYR F 34 -14.43 -4.82 6.24
N PRO F 35 -15.62 -4.19 6.18
CA PRO F 35 -16.81 -4.88 5.65
C PRO F 35 -16.80 -5.30 4.18
N TRP F 36 -16.09 -4.57 3.29
CA TRP F 36 -16.02 -4.93 1.86
C TRP F 36 -15.50 -6.38 1.62
N THR F 37 -14.77 -6.94 2.61
CA THR F 37 -14.20 -8.28 2.59
C THR F 37 -15.28 -9.39 2.53
N GLN F 38 -16.55 -9.02 2.81
CA GLN F 38 -17.74 -9.89 2.77
C GLN F 38 -18.11 -10.34 1.36
N ARG F 39 -17.74 -9.57 0.31
CA ARG F 39 -18.02 -9.95 -1.09
C ARG F 39 -17.52 -11.38 -1.46
N PHE F 40 -16.50 -11.93 -0.77
CA PHE F 40 -15.96 -13.27 -1.05
C PHE F 40 -16.74 -14.41 -0.36
N PHE F 41 -17.46 -14.05 0.73
CA PHE F 41 -18.20 -14.92 1.64
C PHE F 41 -19.73 -14.62 1.68
N GLU F 42 -20.36 -14.38 0.50
CA GLU F 42 -21.81 -14.07 0.42
C GLU F 42 -22.69 -15.29 0.73
N SER F 43 -22.11 -16.50 0.61
CA SER F 43 -22.75 -17.78 0.86
C SER F 43 -22.66 -18.16 2.34
N PHE F 44 -22.07 -17.26 3.17
CA PHE F 44 -21.88 -17.55 4.58
C PHE F 44 -23.16 -17.39 5.39
N GLY F 45 -24.20 -16.86 4.74
CA GLY F 45 -25.52 -16.65 5.34
C GLY F 45 -25.71 -15.27 5.95
N ASP F 46 -26.05 -15.24 7.26
CA ASP F 46 -26.29 -14.03 8.02
C ASP F 46 -24.98 -13.31 8.38
N LEU F 47 -24.81 -12.09 7.84
CA LEU F 47 -23.63 -11.26 8.07
C LEU F 47 -23.99 -9.78 8.30
N SER F 48 -25.25 -9.53 8.72
CA SER F 48 -25.83 -8.19 8.90
C SER F 48 -25.26 -7.38 10.06
N THR F 49 -25.00 -8.02 11.23
CA THR F 49 -24.49 -7.31 12.43
C THR F 49 -23.26 -7.99 13.03
N PRO F 50 -22.40 -7.28 13.81
CA PRO F 50 -21.24 -7.95 14.42
C PRO F 50 -21.59 -9.18 15.25
N ASP F 51 -22.75 -9.21 15.94
CA ASP F 51 -23.17 -10.39 16.72
C ASP F 51 -23.68 -11.52 15.83
N ALA F 52 -24.21 -11.19 14.64
CA ALA F 52 -24.68 -12.16 13.64
C ALA F 52 -23.47 -12.74 12.86
N VAL F 53 -22.39 -11.92 12.71
CA VAL F 53 -21.14 -12.28 12.05
C VAL F 53 -20.34 -13.15 13.00
N MET F 54 -20.17 -12.73 14.29
CA MET F 54 -19.40 -13.50 15.28
C MET F 54 -20.04 -14.83 15.61
N GLY F 55 -21.38 -14.85 15.60
CA GLY F 55 -22.16 -16.05 15.85
C GLY F 55 -22.10 -17.09 14.76
N ASN F 56 -22.02 -16.65 13.47
CA ASN F 56 -22.02 -17.53 12.27
C ASN F 56 -21.13 -18.78 12.39
N PRO F 57 -21.72 -20.00 12.40
CA PRO F 57 -20.90 -21.22 12.48
C PRO F 57 -19.95 -21.40 11.30
N LYS F 58 -20.33 -20.91 10.10
CA LYS F 58 -19.49 -20.97 8.89
C LYS F 58 -18.22 -20.14 9.04
N VAL F 59 -18.34 -18.98 9.72
CA VAL F 59 -17.24 -18.05 9.98
C VAL F 59 -16.22 -18.70 10.94
N LYS F 60 -16.72 -19.26 12.06
CA LYS F 60 -15.91 -19.91 13.11
C LYS F 60 -15.23 -21.15 12.55
N ALA F 61 -15.93 -21.82 11.63
CA ALA F 61 -15.53 -23.03 10.93
C ALA F 61 -14.38 -22.74 9.98
N HIS F 62 -14.61 -21.84 9.01
CA HIS F 62 -13.61 -21.44 8.02
C HIS F 62 -12.43 -20.79 8.74
N GLY F 63 -12.72 -20.11 9.85
CA GLY F 63 -11.74 -19.50 10.74
C GLY F 63 -10.74 -20.51 11.27
N LYS F 64 -11.21 -21.71 11.62
CA LYS F 64 -10.35 -22.80 12.11
C LYS F 64 -9.37 -23.32 11.01
N LYS F 65 -9.85 -23.44 9.75
CA LYS F 65 -9.07 -23.90 8.58
C LYS F 65 -8.01 -22.86 8.17
N VAL F 66 -8.31 -21.56 8.39
CA VAL F 66 -7.43 -20.44 8.07
C VAL F 66 -6.31 -20.38 9.13
N LEU F 67 -6.65 -20.65 10.40
CA LEU F 67 -5.69 -20.62 11.48
C LEU F 67 -4.77 -21.78 11.37
N GLY F 68 -5.30 -22.90 10.85
CA GLY F 68 -4.58 -24.14 10.60
C GLY F 68 -3.44 -23.93 9.63
N ALA F 69 -3.67 -23.04 8.64
CA ALA F 69 -2.66 -22.63 7.68
C ALA F 69 -1.59 -21.79 8.41
N PHE F 70 -2.00 -20.96 9.38
CA PHE F 70 -1.09 -20.15 10.21
C PHE F 70 -0.22 -21.03 11.09
N SER F 71 -0.80 -22.11 11.66
CA SER F 71 -0.13 -23.10 12.51
C SER F 71 0.95 -23.87 11.72
N ASP F 72 0.78 -23.96 10.37
CA ASP F 72 1.70 -24.63 9.46
C ASP F 72 2.87 -23.74 9.11
N GLY F 73 2.60 -22.49 8.80
CA GLY F 73 3.64 -21.50 8.52
C GLY F 73 4.51 -21.27 9.74
N LEU F 74 3.89 -21.31 10.95
CA LEU F 74 4.52 -21.13 12.25
C LEU F 74 5.36 -22.36 12.68
N ALA F 75 5.30 -23.41 11.87
CA ALA F 75 6.08 -24.63 12.05
C ALA F 75 7.19 -24.56 11.00
N HIS F 76 6.84 -24.10 9.80
CA HIS F 76 7.73 -23.98 8.65
C HIS F 76 8.11 -22.54 8.37
N LEU F 77 8.82 -21.90 9.32
CA LEU F 77 9.25 -20.50 9.21
C LEU F 77 10.39 -20.27 8.21
N ASP F 78 11.31 -21.25 8.08
CA ASP F 78 12.45 -21.23 7.15
C ASP F 78 12.01 -21.24 5.68
N ASN F 79 10.86 -21.91 5.38
CA ASN F 79 10.31 -22.05 4.05
C ASN F 79 8.80 -21.75 4.03
N LEU F 80 8.47 -20.45 3.88
CA LEU F 80 7.09 -20.02 3.84
C LEU F 80 6.57 -20.04 2.40
N LYS F 81 7.43 -19.67 1.42
CA LYS F 81 7.13 -19.63 -0.02
C LYS F 81 6.48 -20.91 -0.56
N GLY F 82 7.01 -22.06 -0.15
CA GLY F 82 6.52 -23.37 -0.56
C GLY F 82 5.33 -23.86 0.23
N THR F 83 5.31 -23.57 1.56
CA THR F 83 4.24 -23.98 2.47
C THR F 83 2.88 -23.46 1.97
N PHE F 84 2.82 -22.15 1.64
CA PHE F 84 1.61 -21.48 1.17
C PHE F 84 1.45 -21.49 -0.34
N ALA F 85 2.36 -22.16 -1.07
CA ALA F 85 2.33 -22.24 -2.53
C ALA F 85 0.98 -22.66 -3.13
N THR F 86 0.37 -23.75 -2.61
CA THR F 86 -0.91 -24.25 -3.10
C THR F 86 -2.02 -23.23 -2.88
N LEU F 87 -2.00 -22.57 -1.71
CA LEU F 87 -2.95 -21.51 -1.36
C LEU F 87 -2.74 -20.25 -2.20
N SER F 88 -1.50 -19.94 -2.61
CA SER F 88 -1.18 -18.78 -3.46
C SER F 88 -1.92 -18.86 -4.81
N GLU F 89 -2.01 -20.08 -5.38
CA GLU F 89 -2.73 -20.41 -6.62
C GLU F 89 -4.23 -20.12 -6.44
N LEU F 90 -4.82 -20.48 -5.25
CA LEU F 90 -6.24 -20.26 -4.93
C LEU F 90 -6.58 -18.79 -4.62
N HIS F 91 -5.74 -18.11 -3.82
CA HIS F 91 -5.96 -16.73 -3.41
C HIS F 91 -5.56 -15.72 -4.48
N CYS F 92 -4.65 -16.09 -5.41
CA CYS F 92 -4.20 -15.17 -6.46
C CYS F 92 -4.70 -15.51 -7.85
N ASP F 93 -4.46 -16.73 -8.33
CA ASP F 93 -4.87 -17.06 -9.70
C ASP F 93 -6.39 -17.20 -9.91
N LYS F 94 -7.08 -17.83 -8.94
CA LYS F 94 -8.53 -18.09 -9.02
C LYS F 94 -9.44 -16.99 -8.41
N LEU F 95 -9.23 -16.60 -7.13
CA LEU F 95 -10.09 -15.63 -6.44
C LEU F 95 -9.62 -14.15 -6.52
N HIS F 96 -8.33 -13.89 -6.84
CA HIS F 96 -7.74 -12.57 -7.00
C HIS F 96 -7.86 -11.63 -5.79
N VAL F 97 -7.71 -12.19 -4.58
CA VAL F 97 -7.79 -11.41 -3.34
C VAL F 97 -6.63 -10.43 -3.32
N ASP F 98 -6.91 -9.10 -3.39
CA ASP F 98 -5.88 -8.07 -3.36
C ASP F 98 -4.95 -8.32 -2.16
N PRO F 99 -3.60 -8.35 -2.36
CA PRO F 99 -2.69 -8.72 -1.25
C PRO F 99 -2.81 -7.92 0.03
N GLU F 100 -3.25 -6.65 -0.02
CA GLU F 100 -3.42 -5.83 1.18
C GLU F 100 -4.41 -6.48 2.16
N ASN F 101 -5.47 -7.15 1.61
CA ASN F 101 -6.49 -7.85 2.42
C ASN F 101 -5.85 -8.93 3.30
N PHE F 102 -4.78 -9.62 2.79
CA PHE F 102 -4.04 -10.64 3.54
C PHE F 102 -3.34 -9.95 4.70
N ARG F 103 -2.78 -8.78 4.41
CA ARG F 103 -2.06 -7.93 5.35
C ARG F 103 -3.01 -7.46 6.45
N LEU F 104 -4.23 -7.03 6.08
CA LEU F 104 -5.30 -6.59 6.98
C LEU F 104 -5.71 -7.68 7.94
N LEU F 105 -5.89 -8.91 7.44
CA LEU F 105 -6.23 -10.06 8.27
C LEU F 105 -5.07 -10.39 9.19
N GLY F 106 -3.85 -10.23 8.68
CA GLY F 106 -2.64 -10.49 9.45
C GLY F 106 -2.56 -9.63 10.68
N ASN F 107 -2.86 -8.33 10.52
CA ASN F 107 -2.83 -7.35 11.62
C ASN F 107 -3.98 -7.57 12.60
N VAL F 108 -5.11 -8.08 12.08
CA VAL F 108 -6.28 -8.41 12.88
C VAL F 108 -5.99 -9.61 13.82
N LEU F 109 -5.21 -10.58 13.35
CA LEU F 109 -4.81 -11.74 14.13
C LEU F 109 -3.95 -11.27 15.30
N VAL F 110 -3.00 -10.38 15.00
CA VAL F 110 -2.08 -9.76 15.97
C VAL F 110 -2.90 -9.01 17.04
N CYS F 111 -4.01 -8.42 16.61
CA CYS F 111 -4.93 -7.71 17.49
C CYS F 111 -5.70 -8.66 18.39
N VAL F 112 -6.04 -9.84 17.86
CA VAL F 112 -6.78 -10.85 18.60
C VAL F 112 -5.86 -11.47 19.66
N LEU F 113 -4.61 -11.80 19.28
CA LEU F 113 -3.62 -12.37 20.18
C LEU F 113 -3.30 -11.42 21.32
N ALA F 114 -3.24 -10.10 21.03
CA ALA F 114 -2.99 -9.09 22.04
C ALA F 114 -4.20 -9.06 22.97
N HIS F 115 -5.43 -9.13 22.40
CA HIS F 115 -6.71 -9.10 23.14
C HIS F 115 -6.85 -10.27 24.09
N HIS F 116 -6.28 -11.41 23.72
CA HIS F 116 -6.32 -12.65 24.50
C HIS F 116 -5.21 -12.77 25.51
N PHE F 117 -3.96 -12.61 25.08
CA PHE F 117 -2.82 -12.80 25.96
C PHE F 117 -2.53 -11.65 26.88
N GLY F 118 -2.85 -10.43 26.47
CA GLY F 118 -2.63 -9.22 27.26
C GLY F 118 -1.17 -8.93 27.49
N LYS F 119 -0.79 -8.76 28.76
CA LYS F 119 0.58 -8.48 29.20
C LYS F 119 1.59 -9.58 28.82
N GLU F 120 1.10 -10.71 28.28
CA GLU F 120 1.91 -11.82 27.79
C GLU F 120 2.36 -11.52 26.35
N PHE F 121 1.58 -10.68 25.62
CA PHE F 121 1.85 -10.25 24.24
C PHE F 121 2.68 -8.96 24.20
N THR F 122 3.86 -9.03 24.81
CA THR F 122 4.86 -7.96 24.98
C THR F 122 5.35 -7.34 23.65
N PRO F 123 5.75 -6.03 23.65
CA PRO F 123 6.29 -5.42 22.42
C PRO F 123 7.26 -6.28 21.60
N PRO F 124 8.27 -6.99 22.21
CA PRO F 124 9.16 -7.85 21.40
C PRO F 124 8.50 -9.09 20.83
N VAL F 125 7.48 -9.67 21.50
CA VAL F 125 6.77 -10.83 20.95
C VAL F 125 5.81 -10.38 19.85
N GLN F 126 5.26 -9.13 19.96
CA GLN F 126 4.39 -8.51 18.95
C GLN F 126 5.24 -8.37 17.68
N ALA F 127 6.44 -7.76 17.84
CA ALA F 127 7.46 -7.55 16.81
C ALA F 127 7.76 -8.84 16.04
N ALA F 128 7.82 -9.98 16.73
CA ALA F 128 8.10 -11.28 16.12
C ALA F 128 6.90 -11.84 15.34
N TYR F 129 5.68 -11.68 15.91
CA TYR F 129 4.48 -12.15 15.23
C TYR F 129 4.24 -11.34 14.00
N GLN F 130 4.63 -10.05 14.04
CA GLN F 130 4.53 -9.10 12.93
C GLN F 130 5.35 -9.58 11.75
N LYS F 131 6.56 -10.15 12.02
CA LYS F 131 7.48 -10.71 11.01
C LYS F 131 6.83 -11.91 10.37
N VAL F 132 6.18 -12.77 11.19
CA VAL F 132 5.49 -13.99 10.80
C VAL F 132 4.32 -13.65 9.86
N VAL F 133 3.38 -12.81 10.33
CA VAL F 133 2.20 -12.42 9.56
C VAL F 133 2.59 -11.68 8.27
N ALA F 134 3.73 -10.95 8.27
CA ALA F 134 4.20 -10.26 7.08
C ALA F 134 4.67 -11.32 6.08
N GLY F 135 5.36 -12.35 6.59
CA GLY F 135 5.86 -13.46 5.80
C GLY F 135 4.73 -14.22 5.16
N VAL F 136 3.72 -14.60 5.97
CA VAL F 136 2.52 -15.34 5.54
C VAL F 136 1.76 -14.55 4.49
N ALA F 137 1.82 -13.21 4.56
CA ALA F 137 1.20 -12.31 3.60
C ALA F 137 1.96 -12.38 2.27
N ASN F 138 3.31 -12.34 2.33
CA ASN F 138 4.15 -12.41 1.13
C ASN F 138 4.09 -13.74 0.46
N ALA F 139 4.19 -14.83 1.24
CA ALA F 139 4.14 -16.22 0.77
C ALA F 139 2.86 -16.53 -0.01
N LEU F 140 1.73 -15.90 0.40
CA LEU F 140 0.42 -16.05 -0.24
C LEU F 140 0.31 -15.21 -1.50
N ALA F 141 0.95 -14.02 -1.52
CA ALA F 141 0.95 -13.09 -2.65
C ALA F 141 2.16 -13.32 -3.58
N HIS F 142 2.79 -14.52 -3.45
CA HIS F 142 3.96 -14.91 -4.22
C HIS F 142 3.65 -15.05 -5.70
N LYS F 143 2.45 -15.55 -6.05
CA LYS F 143 2.03 -15.73 -7.44
C LYS F 143 1.84 -14.39 -8.23
N TYR F 144 1.84 -13.24 -7.52
CA TYR F 144 1.74 -11.92 -8.11
C TYR F 144 3.12 -11.37 -8.56
#